data_6X1Y
#
_entry.id   6X1Y
#
_cell.length_a   47.199
_cell.length_b   109.147
_cell.length_c   75.996
_cell.angle_alpha   90.000
_cell.angle_beta   99.934
_cell.angle_gamma   90.000
#
_symmetry.space_group_name_H-M   'P 1 21 1'
#
loop_
_entity.id
_entity.type
_entity.pdbx_description
1 polymer 'Nuclease SbcCD subunit D'
2 non-polymer '2-(N-MORPHOLINO)-ETHANESULFONIC ACID'
3 non-polymer (5Z)-5-[(3-methoxyphenyl)methylidene]-2-sulfanylidene-1,3-thiazolidin-4-one
4 water water
#
_entity_poly.entity_id   1
_entity_poly.type   'polypeptide(L)'
_entity_poly.pdbx_seq_one_letter_code
;MGSDKIHHHHHHVINLKELKILHTSDWHLGVTSWTSSRPVDRREELKKALDKVVEEAEKREVDLILLTGDLLHSRNNPSV
VALHDLLDYLKRMMRTAPVVVLPGNHDWKGLKLFGNFVTSISSDITFVMSFEPVDVEAKRGQKVRILPFPYPDESEALRK
NEGDFRFFLESRLNKLYEEALKKEDFAIFMGHFTVEGLAGYAGIEQGREIIINRALIPSVVDYAALGHIHSFREIQKQPL
TIYPGSLIRIDFGEEADEKGAVFVELKRGEPPRYERIDASPLPLKTLYYKKIDTSALKSIRDFCRNFPGYVRVVYEEDSG
ILPDLMGEIDNLVKIE
;
_entity_poly.pdbx_strand_id   A,B
#
# COMPACT_ATOMS: atom_id res chain seq x y z
N HIS A 10 -35.11 15.62 32.09
CA HIS A 10 -34.88 16.95 32.64
C HIS A 10 -36.08 17.41 33.45
N HIS A 11 -35.81 17.95 34.63
CA HIS A 11 -36.84 18.70 35.31
C HIS A 11 -37.03 20.04 34.63
N HIS A 12 -38.22 20.62 34.81
CA HIS A 12 -38.39 22.00 34.35
C HIS A 12 -38.52 22.87 35.59
N VAL A 13 -37.47 22.86 36.40
CA VAL A 13 -37.34 23.77 37.52
C VAL A 13 -37.10 25.16 36.95
N ILE A 14 -37.75 26.16 37.53
CA ILE A 14 -37.72 27.50 36.96
C ILE A 14 -36.27 27.96 36.87
N ASN A 15 -35.92 28.54 35.70
CA ASN A 15 -34.54 28.83 35.34
C ASN A 15 -33.77 29.54 36.46
N LEU A 16 -32.78 28.85 37.00
CA LEU A 16 -31.98 29.31 38.11
C LEU A 16 -30.72 30.03 37.64
N LYS A 17 -30.03 30.67 38.58
CA LYS A 17 -28.78 31.35 38.29
C LYS A 17 -27.57 30.47 38.58
N GLU A 18 -27.78 29.23 38.98
CA GLU A 18 -26.69 28.31 39.30
C GLU A 18 -26.61 27.21 38.24
N LEU A 19 -25.41 26.68 38.07
CA LEU A 19 -25.19 25.57 37.15
C LEU A 19 -24.06 24.71 37.70
N LYS A 20 -24.41 23.51 38.16
CA LYS A 20 -23.42 22.56 38.67
C LYS A 20 -22.98 21.65 37.53
N ILE A 21 -21.67 21.60 37.29
CA ILE A 21 -21.11 20.98 36.10
C ILE A 21 -20.15 19.88 36.53
N LEU A 22 -20.27 18.72 35.90
CA LEU A 22 -19.23 17.70 35.93
C LEU A 22 -18.47 17.75 34.61
N HIS A 23 -17.15 17.89 34.70
CA HIS A 23 -16.30 17.97 33.51
C HIS A 23 -15.21 16.91 33.64
N THR A 24 -15.24 15.93 32.74
CA THR A 24 -14.22 14.90 32.68
C THR A 24 -13.90 14.64 31.21
N SER A 25 -12.74 14.03 30.97
CA SER A 25 -12.26 13.88 29.60
C SER A 25 -11.07 12.93 29.59
N ASP A 26 -10.64 12.58 28.37
CA ASP A 26 -9.41 11.83 28.14
C ASP A 26 -9.43 10.47 28.85
N TRP A 27 -10.53 9.74 28.67
CA TRP A 27 -10.68 8.45 29.33
C TRP A 27 -9.73 7.40 28.76
N HIS A 28 -9.53 7.42 27.43
CA HIS A 28 -8.67 6.44 26.75
C HIS A 28 -9.13 5.01 26.98
N LEU A 29 -10.46 4.81 26.92
CA LEU A 29 -11.00 3.47 27.12
C LEU A 29 -10.46 2.50 26.09
N GLY A 30 -10.11 1.30 26.55
CA GLY A 30 -9.57 0.27 25.68
C GLY A 30 -8.06 0.20 25.64
N VAL A 31 -7.37 1.05 26.39
CA VAL A 31 -5.91 1.12 26.32
C VAL A 31 -5.30 -0.07 27.04
N THR A 32 -4.26 -0.65 26.43
CA THR A 32 -3.38 -1.61 27.09
C THR A 32 -1.97 -1.04 27.04
N SER A 33 -1.38 -0.78 28.20
CA SER A 33 -0.10 -0.10 28.28
C SER A 33 1.04 -1.11 28.14
N TRP A 34 2.15 -0.64 27.54
CA TRP A 34 3.39 -1.40 27.45
C TRP A 34 3.15 -2.76 26.78
N THR A 35 2.41 -2.74 25.67
CA THR A 35 2.04 -3.98 24.99
C THR A 35 3.24 -4.76 24.47
N SER A 36 4.37 -4.10 24.25
CA SER A 36 5.54 -4.76 23.67
C SER A 36 6.59 -5.15 24.71
N SER A 37 6.27 -5.00 26.00
CA SER A 37 7.18 -5.47 27.06
C SER A 37 6.40 -6.36 28.02
N ARG A 38 5.42 -5.78 28.71
CA ARG A 38 4.46 -6.54 29.51
C ARG A 38 3.10 -5.88 29.35
N PRO A 39 2.25 -6.44 28.50
CA PRO A 39 0.90 -5.85 28.31
C PRO A 39 0.12 -5.85 29.62
N VAL A 40 -0.35 -4.68 30.02
CA VAL A 40 -1.17 -4.50 31.20
C VAL A 40 -2.49 -3.89 30.76
N ASP A 41 -3.57 -4.66 30.83
CA ASP A 41 -4.89 -4.14 30.51
C ASP A 41 -5.32 -3.16 31.60
N ARG A 42 -5.53 -1.90 31.22
CA ARG A 42 -5.84 -0.84 32.17
C ARG A 42 -7.33 -0.73 32.47
N ARG A 43 -8.14 -1.69 32.01
CA ARG A 43 -9.59 -1.54 32.05
C ARG A 43 -10.12 -1.50 33.49
N GLU A 44 -9.62 -2.39 34.36
CA GLU A 44 -10.14 -2.46 35.72
C GLU A 44 -9.86 -1.17 36.48
N GLU A 45 -8.62 -0.68 36.43
CA GLU A 45 -8.30 0.58 37.08
C GLU A 45 -9.11 1.73 36.49
N LEU A 46 -9.32 1.70 35.17
CA LEU A 46 -10.00 2.79 34.49
C LEU A 46 -11.48 2.84 34.86
N LYS A 47 -12.14 1.67 34.85
CA LYS A 47 -13.54 1.62 35.26
C LYS A 47 -13.70 1.98 36.74
N LYS A 48 -12.72 1.62 37.57
CA LYS A 48 -12.75 2.01 38.97
C LYS A 48 -12.73 3.53 39.11
N ALA A 49 -11.96 4.21 38.26
CA ALA A 49 -11.93 5.67 38.30
C ALA A 49 -13.23 6.27 37.77
N LEU A 50 -13.77 5.69 36.69
CA LEU A 50 -15.01 6.21 36.12
C LEU A 50 -16.18 6.03 37.08
N ASP A 51 -16.27 4.87 37.73
CA ASP A 51 -17.33 4.66 38.74
C ASP A 51 -17.24 5.72 39.84
N LYS A 52 -16.01 6.07 40.24
CA LYS A 52 -15.84 7.11 41.24
C LYS A 52 -16.40 8.45 40.77
N VAL A 53 -16.16 8.79 39.50
CA VAL A 53 -16.64 10.06 38.97
C VAL A 53 -18.15 10.07 38.84
N VAL A 54 -18.73 8.99 38.29
CA VAL A 54 -20.18 8.92 38.13
C VAL A 54 -20.88 8.99 39.48
N GLU A 55 -20.35 8.27 40.48
CA GLU A 55 -20.97 8.29 41.80
C GLU A 55 -20.88 9.69 42.43
N GLU A 56 -19.75 10.36 42.24
CA GLU A 56 -19.60 11.72 42.78
C GLU A 56 -20.58 12.69 42.13
N ALA A 57 -20.83 12.53 40.84
CA ALA A 57 -21.77 13.41 40.15
C ALA A 57 -23.19 13.23 40.70
N GLU A 58 -23.59 11.99 40.95
CA GLU A 58 -24.91 11.75 41.55
C GLU A 58 -24.97 12.30 42.96
N LYS A 59 -23.88 12.19 43.72
CA LYS A 59 -23.85 12.73 45.07
C LYS A 59 -23.99 14.25 45.05
N ARG A 60 -23.27 14.92 44.15
CA ARG A 60 -23.30 16.37 44.06
C ARG A 60 -24.51 16.90 43.28
N GLU A 61 -25.29 16.01 42.67
CA GLU A 61 -26.47 16.38 41.89
C GLU A 61 -26.13 17.43 40.83
N VAL A 62 -25.22 17.05 39.93
CA VAL A 62 -24.76 17.98 38.90
C VAL A 62 -25.89 18.26 37.92
N ASP A 63 -25.85 19.44 37.32
CA ASP A 63 -26.86 19.85 36.34
C ASP A 63 -26.45 19.55 34.91
N LEU A 64 -25.16 19.45 34.63
CA LEU A 64 -24.67 19.27 33.28
C LEU A 64 -23.36 18.49 33.33
N ILE A 65 -23.13 17.68 32.30
CA ILE A 65 -21.95 16.83 32.20
C ILE A 65 -21.24 17.13 30.89
N LEU A 66 -19.97 17.51 30.97
CA LEU A 66 -19.19 17.91 29.80
C LEU A 66 -18.10 16.87 29.55
N LEU A 67 -18.04 16.36 28.32
CA LEU A 67 -17.02 15.44 27.88
C LEU A 67 -16.29 16.04 26.68
N THR A 68 -14.97 16.13 26.76
CA THR A 68 -14.19 16.88 25.77
C THR A 68 -13.13 16.02 25.08
N GLY A 69 -13.45 14.75 24.81
CA GLY A 69 -12.75 14.00 23.78
C GLY A 69 -11.73 13.01 24.33
N ASP A 70 -11.15 12.27 23.38
CA ASP A 70 -10.20 11.19 23.65
C ASP A 70 -10.76 10.20 24.67
N LEU A 71 -12.06 9.92 24.55
CA LEU A 71 -12.70 8.95 25.42
C LEU A 71 -12.31 7.52 25.06
N LEU A 72 -11.88 7.27 23.82
CA LEU A 72 -11.38 5.97 23.39
C LEU A 72 -9.90 6.09 23.03
N HIS A 73 -9.13 5.05 23.40
CA HIS A 73 -7.70 5.07 23.12
C HIS A 73 -7.42 4.85 21.64
N SER A 74 -8.14 3.94 21.01
CA SER A 74 -7.89 3.57 19.62
C SER A 74 -8.63 4.52 18.69
N ARG A 75 -7.88 5.24 17.86
CA ARG A 75 -8.47 6.15 16.89
C ARG A 75 -9.03 5.43 15.66
N ASN A 76 -8.57 4.21 15.39
CA ASN A 76 -8.96 3.51 14.18
C ASN A 76 -10.07 2.50 14.45
N ASN A 77 -9.70 1.34 14.98
CA ASN A 77 -10.63 0.25 15.26
C ASN A 77 -10.71 0.02 16.77
N PRO A 78 -11.61 0.72 17.47
CA PRO A 78 -11.78 0.42 18.90
C PRO A 78 -12.40 -0.95 19.11
N SER A 79 -11.92 -1.65 20.13
CA SER A 79 -12.44 -2.97 20.45
C SER A 79 -13.91 -2.90 20.84
N VAL A 80 -14.59 -4.02 20.68
CA VAL A 80 -15.98 -4.12 21.11
C VAL A 80 -16.10 -3.86 22.59
N VAL A 81 -15.12 -4.33 23.38
CA VAL A 81 -15.12 -4.09 24.81
C VAL A 81 -15.01 -2.61 25.12
N ALA A 82 -14.11 -1.91 24.42
CA ALA A 82 -13.93 -0.49 24.65
C ALA A 82 -15.18 0.30 24.27
N LEU A 83 -15.77 -0.03 23.12
CA LEU A 83 -16.98 0.66 22.68
C LEU A 83 -18.15 0.37 23.62
N HIS A 84 -18.22 -0.85 24.15
CA HIS A 84 -19.29 -1.20 25.08
C HIS A 84 -19.19 -0.39 26.36
N ASP A 85 -17.98 -0.29 26.92
CA ASP A 85 -17.80 0.49 28.14
C ASP A 85 -18.15 1.96 27.93
N LEU A 86 -17.78 2.52 26.77
CA LEU A 86 -18.10 3.92 26.48
C LEU A 86 -19.61 4.15 26.47
N LEU A 87 -20.34 3.37 25.67
CA LEU A 87 -21.78 3.52 25.63
C LEU A 87 -22.41 3.20 26.97
N ASP A 88 -21.80 2.30 27.74
CA ASP A 88 -22.29 2.01 29.08
C ASP A 88 -22.20 3.24 29.98
N TYR A 89 -21.05 3.90 29.99
CA TYR A 89 -20.86 5.04 30.88
C TYR A 89 -21.59 6.29 30.40
N LEU A 90 -21.75 6.45 29.08
CA LEU A 90 -22.65 7.49 28.59
C LEU A 90 -24.05 7.29 29.13
N LYS A 91 -24.52 6.04 29.15
CA LYS A 91 -25.86 5.74 29.64
C LYS A 91 -26.01 6.10 31.11
N ARG A 92 -25.03 5.73 31.93
CA ARG A 92 -25.10 6.03 33.36
C ARG A 92 -25.13 7.54 33.60
N MET A 93 -24.34 8.29 32.85
CA MET A 93 -24.28 9.74 33.04
C MET A 93 -25.57 10.40 32.57
N MET A 94 -26.14 9.92 31.47
CA MET A 94 -27.39 10.48 30.97
C MET A 94 -28.52 10.34 31.99
N ARG A 95 -28.51 9.26 32.77
CA ARG A 95 -29.50 9.10 33.82
C ARG A 95 -29.34 10.13 34.93
N THR A 96 -28.15 10.69 35.10
CA THR A 96 -27.89 11.68 36.15
C THR A 96 -28.20 13.09 35.67
N ALA A 97 -27.68 13.49 34.51
CA ALA A 97 -27.83 14.85 34.03
C ALA A 97 -27.63 14.83 32.52
N PRO A 98 -28.09 15.88 31.81
CA PRO A 98 -27.80 15.97 30.37
C PRO A 98 -26.30 15.97 30.11
N VAL A 99 -25.90 15.33 29.01
CA VAL A 99 -24.50 15.14 28.67
C VAL A 99 -24.21 15.83 27.34
N VAL A 100 -23.14 16.63 27.32
CA VAL A 100 -22.65 17.23 26.08
C VAL A 100 -21.28 16.62 25.79
N VAL A 101 -21.13 16.08 24.57
CA VAL A 101 -19.94 15.34 24.19
C VAL A 101 -19.24 16.09 23.06
N LEU A 102 -18.00 16.49 23.30
CA LEU A 102 -17.12 17.01 22.26
C LEU A 102 -16.05 15.97 21.96
N PRO A 103 -16.19 15.18 20.91
CA PRO A 103 -15.25 14.08 20.67
C PRO A 103 -13.90 14.58 20.17
N GLY A 104 -12.88 13.76 20.40
CA GLY A 104 -11.55 14.02 19.89
C GLY A 104 -11.44 13.72 18.41
N ASN A 105 -10.19 13.69 17.95
CA ASN A 105 -9.90 13.42 16.53
C ASN A 105 -10.01 11.93 16.28
N HIS A 106 -11.25 11.48 16.09
CA HIS A 106 -11.48 10.10 15.68
C HIS A 106 -11.39 9.99 14.15
N ASP A 107 -11.18 8.77 13.67
CA ASP A 107 -10.79 8.59 12.28
C ASP A 107 -11.96 8.32 11.34
N TRP A 108 -12.95 7.53 11.77
CA TRP A 108 -14.04 7.14 10.89
C TRP A 108 -15.13 8.20 10.87
N LYS A 109 -15.63 8.49 9.66
CA LYS A 109 -16.58 9.58 9.48
C LYS A 109 -17.98 9.23 9.98
N GLY A 110 -18.27 7.93 10.12
CA GLY A 110 -19.58 7.52 10.64
C GLY A 110 -19.88 8.08 12.02
N LEU A 111 -18.86 8.47 12.78
CA LEU A 111 -19.08 9.00 14.12
C LEU A 111 -19.97 10.23 14.08
N LYS A 112 -19.79 11.09 13.07
CA LYS A 112 -20.61 12.29 12.98
C LYS A 112 -22.07 11.95 12.69
N LEU A 113 -22.32 10.90 11.88
CA LEU A 113 -23.69 10.50 11.61
C LEU A 113 -24.32 9.82 12.82
N PHE A 114 -23.56 8.94 13.49
CA PHE A 114 -24.04 8.36 14.75
C PHE A 114 -24.31 9.45 15.78
N GLY A 115 -23.40 10.41 15.90
CA GLY A 115 -23.57 11.47 16.88
C GLY A 115 -24.80 12.32 16.62
N ASN A 116 -24.99 12.72 15.35
CA ASN A 116 -26.16 13.52 15.00
C ASN A 116 -27.45 12.72 15.19
N PHE A 117 -27.42 11.43 14.87
CA PHE A 117 -28.60 10.60 15.06
C PHE A 117 -28.96 10.46 16.53
N VAL A 118 -27.96 10.20 17.37
CA VAL A 118 -28.22 10.06 18.81
C VAL A 118 -28.69 11.38 19.40
N THR A 119 -28.10 12.49 18.95
CA THR A 119 -28.53 13.81 19.42
C THR A 119 -29.99 14.07 19.06
N SER A 120 -30.42 13.59 17.90
CA SER A 120 -31.78 13.88 17.44
C SER A 120 -32.82 13.10 18.23
N ILE A 121 -32.49 11.89 18.69
CA ILE A 121 -33.47 11.00 19.29
C ILE A 121 -33.48 11.04 20.80
N SER A 122 -32.61 11.85 21.41
CA SER A 122 -32.51 11.89 22.87
C SER A 122 -32.32 13.32 23.34
N SER A 123 -33.05 13.69 24.39
CA SER A 123 -32.88 15.01 25.00
C SER A 123 -31.76 15.03 26.03
N ASP A 124 -31.21 13.88 26.40
CA ASP A 124 -30.25 13.79 27.49
C ASP A 124 -28.80 13.73 27.03
N ILE A 125 -28.55 13.77 25.72
CA ILE A 125 -27.18 13.76 25.23
C ILE A 125 -27.12 14.58 23.94
N THR A 126 -26.02 15.32 23.79
CA THR A 126 -25.78 16.15 22.62
C THR A 126 -24.34 15.95 22.16
N PHE A 127 -24.16 15.63 20.89
CA PHE A 127 -22.84 15.56 20.27
C PHE A 127 -22.59 16.83 19.48
N VAL A 128 -21.54 17.56 19.84
CA VAL A 128 -21.13 18.77 19.13
C VAL A 128 -19.88 18.43 18.34
N MET A 129 -20.03 18.32 17.02
CA MET A 129 -18.94 17.91 16.14
C MET A 129 -18.70 18.93 15.03
N SER A 130 -18.99 20.19 15.30
CA SER A 130 -18.70 21.27 14.38
C SER A 130 -18.41 22.53 15.18
N PHE A 131 -17.99 23.58 14.49
CA PHE A 131 -17.80 24.87 15.14
C PHE A 131 -19.10 25.63 15.31
N GLU A 132 -20.24 25.05 14.94
CA GLU A 132 -21.53 25.70 15.07
C GLU A 132 -22.05 25.56 16.49
N PRO A 133 -22.45 26.64 17.15
CA PRO A 133 -22.92 26.55 18.53
C PRO A 133 -24.25 25.82 18.64
N VAL A 134 -24.48 25.27 19.84
CA VAL A 134 -25.69 24.53 20.16
C VAL A 134 -26.19 24.99 21.52
N ASP A 135 -27.49 25.27 21.61
CA ASP A 135 -28.11 25.61 22.89
C ASP A 135 -28.73 24.34 23.49
N VAL A 136 -28.48 24.13 24.79
CA VAL A 136 -28.98 22.97 25.51
C VAL A 136 -29.63 23.42 26.80
N GLU A 137 -30.45 22.53 27.36
CA GLU A 137 -31.11 22.76 28.63
C GLU A 137 -30.53 21.82 29.67
N ALA A 138 -30.10 22.37 30.80
CA ALA A 138 -29.47 21.58 31.85
C ALA A 138 -30.54 20.89 32.69
N LYS A 139 -30.11 20.26 33.79
CA LYS A 139 -31.01 19.44 34.59
C LYS A 139 -32.13 20.27 35.21
N ARG A 140 -31.81 21.47 35.70
CA ARG A 140 -32.77 22.32 36.39
C ARG A 140 -33.27 23.46 35.50
N GLY A 141 -33.30 23.24 34.18
CA GLY A 141 -33.88 24.20 33.26
C GLY A 141 -32.96 25.29 32.77
N GLN A 142 -31.72 25.35 33.26
CA GLN A 142 -30.80 26.39 32.84
C GLN A 142 -30.49 26.28 31.34
N LYS A 143 -30.53 27.41 30.65
CA LYS A 143 -30.20 27.46 29.23
C LYS A 143 -28.71 27.70 29.07
N VAL A 144 -28.04 26.81 28.34
CA VAL A 144 -26.59 26.86 28.18
C VAL A 144 -26.27 26.87 26.69
N ARG A 145 -25.52 27.88 26.26
CA ARG A 145 -25.02 27.94 24.89
C ARG A 145 -23.64 27.32 24.83
N ILE A 146 -23.49 26.28 24.03
CA ILE A 146 -22.23 25.57 23.90
C ILE A 146 -21.46 26.16 22.72
N LEU A 147 -20.24 26.60 22.99
CA LEU A 147 -19.36 27.14 21.95
C LEU A 147 -18.30 26.09 21.64
N PRO A 148 -18.52 25.25 20.63
CA PRO A 148 -17.62 24.11 20.40
C PRO A 148 -16.48 24.44 19.45
N PHE A 149 -15.31 23.88 19.76
CA PHE A 149 -14.11 24.07 18.97
C PHE A 149 -13.39 22.73 18.85
N PRO A 150 -13.80 21.90 17.91
CA PRO A 150 -13.19 20.56 17.76
C PRO A 150 -11.93 20.62 16.91
N TYR A 151 -11.27 19.47 16.83
CA TYR A 151 -10.15 19.32 15.91
C TYR A 151 -10.63 19.59 14.49
N PRO A 152 -9.97 20.48 13.74
CA PRO A 152 -10.47 20.83 12.39
C PRO A 152 -10.33 19.69 11.39
N ASP A 153 -9.28 19.70 10.58
CA ASP A 153 -9.05 18.60 9.65
C ASP A 153 -7.57 18.45 9.36
N GLU A 154 -7.18 17.20 9.05
CA GLU A 154 -5.90 16.96 8.40
C GLU A 154 -5.88 17.58 7.00
N SER A 155 -7.01 17.58 6.32
CA SER A 155 -7.08 18.07 4.94
C SER A 155 -6.78 19.56 4.90
N GLU A 156 -7.47 20.35 5.72
CA GLU A 156 -7.16 21.77 5.80
C GLU A 156 -5.74 21.98 6.32
N ALA A 157 -5.27 21.09 7.20
CA ALA A 157 -3.86 21.08 7.57
C ALA A 157 -2.99 20.59 6.41
N LEU A 158 -3.50 19.73 5.55
CA LEU A 158 -2.75 19.28 4.39
C LEU A 158 -2.53 20.38 3.37
N ARG A 159 -3.18 21.55 3.54
CA ARG A 159 -2.83 22.72 2.75
C ARG A 159 -1.36 23.08 2.93
N LYS A 160 -0.77 22.74 4.08
CA LYS A 160 0.62 22.90 4.43
C LYS A 160 1.04 24.37 4.58
N ASN A 161 0.14 25.31 4.32
CA ASN A 161 0.43 26.73 4.52
C ASN A 161 0.04 27.10 5.95
N GLU A 162 1.05 27.34 6.79
CA GLU A 162 0.80 27.58 8.21
C GLU A 162 0.08 28.90 8.45
N GLY A 163 0.30 29.90 7.57
CA GLY A 163 -0.28 31.21 7.82
C GLY A 163 -1.80 31.22 7.74
N ASP A 164 -2.34 30.68 6.64
CA ASP A 164 -3.80 30.67 6.47
C ASP A 164 -4.48 29.77 7.49
N PHE A 165 -3.84 28.65 7.83
CA PHE A 165 -4.43 27.73 8.81
C PHE A 165 -4.62 28.41 10.16
N ARG A 166 -3.63 29.21 10.59
CA ARG A 166 -3.77 29.98 11.81
C ARG A 166 -4.94 30.96 11.70
N PHE A 167 -5.09 31.59 10.54
CA PHE A 167 -6.17 32.54 10.34
C PHE A 167 -7.53 31.85 10.33
N PHE A 168 -7.61 30.65 9.77
CA PHE A 168 -8.85 29.87 9.82
C PHE A 168 -9.29 29.63 11.26
N LEU A 169 -8.36 29.17 12.11
CA LEU A 169 -8.68 28.89 13.50
C LEU A 169 -9.06 30.16 14.25
N GLU A 170 -8.35 31.26 14.00
CA GLU A 170 -8.63 32.50 14.72
C GLU A 170 -9.98 33.09 14.32
N SER A 171 -10.38 32.94 13.05
CA SER A 171 -11.69 33.42 12.63
CA SER A 171 -11.69 33.42 12.63
C SER A 171 -12.80 32.58 13.24
N ARG A 172 -12.57 31.28 13.40
CA ARG A 172 -13.56 30.42 14.06
C ARG A 172 -13.73 30.82 15.52
N LEU A 173 -12.64 31.23 16.17
CA LEU A 173 -12.72 31.68 17.56
C LEU A 173 -13.47 32.99 17.68
N ASN A 174 -13.22 33.93 16.76
CA ASN A 174 -13.93 35.20 16.79
C ASN A 174 -15.44 35.01 16.65
N LYS A 175 -15.87 34.10 15.77
CA LYS A 175 -17.30 33.83 15.64
C LYS A 175 -17.88 33.29 16.94
N LEU A 176 -17.16 32.37 17.60
CA LEU A 176 -17.63 31.84 18.87
C LEU A 176 -17.75 32.93 19.92
N TYR A 177 -16.88 33.94 19.88
CA TYR A 177 -17.04 35.09 20.76
C TYR A 177 -18.32 35.84 20.47
N GLU A 178 -18.58 36.13 19.19
CA GLU A 178 -19.79 36.84 18.79
C GLU A 178 -21.04 36.09 19.26
N GLU A 179 -21.08 34.77 19.03
CA GLU A 179 -22.25 34.00 19.42
C GLU A 179 -22.35 33.82 20.93
N ALA A 180 -21.24 33.90 21.65
CA ALA A 180 -21.30 33.86 23.10
C ALA A 180 -21.97 35.11 23.67
N LEU A 181 -21.87 36.24 22.96
CA LEU A 181 -22.53 37.46 23.40
C LEU A 181 -24.05 37.30 23.38
N LYS A 182 -24.58 36.52 22.43
CA LYS A 182 -26.01 36.30 22.31
C LYS A 182 -26.51 35.16 23.19
N LYS A 183 -25.83 34.90 24.31
CA LYS A 183 -26.26 33.86 25.23
C LYS A 183 -27.54 34.28 25.95
N GLU A 184 -28.08 33.34 26.75
CA GLU A 184 -29.27 33.61 27.54
C GLU A 184 -28.96 33.50 29.03
N ASP A 185 -28.69 32.29 29.54
CA ASP A 185 -28.28 32.11 30.94
C ASP A 185 -26.78 31.88 31.05
N PHE A 186 -26.26 30.82 30.44
CA PHE A 186 -24.85 30.48 30.50
C PHE A 186 -24.30 30.20 29.11
N ALA A 187 -23.01 30.51 28.94
CA ALA A 187 -22.27 30.20 27.72
C ALA A 187 -21.02 29.42 28.12
N ILE A 188 -20.80 28.28 27.48
CA ILE A 188 -19.70 27.38 27.85
C ILE A 188 -18.90 27.04 26.59
N PHE A 189 -17.60 27.28 26.64
CA PHE A 189 -16.69 26.94 25.56
C PHE A 189 -16.16 25.53 25.75
N MET A 190 -16.15 24.75 24.66
CA MET A 190 -15.62 23.40 24.66
C MET A 190 -14.61 23.25 23.54
N GLY A 191 -13.38 22.91 23.89
CA GLY A 191 -12.32 22.80 22.90
C GLY A 191 -11.49 21.55 23.12
N HIS A 192 -10.99 21.01 22.03
CA HIS A 192 -10.09 19.85 22.03
C HIS A 192 -8.84 20.26 21.25
N PHE A 193 -7.86 20.80 21.96
CA PHE A 193 -6.63 21.26 21.34
C PHE A 193 -5.57 21.43 22.43
N THR A 194 -4.38 21.86 22.02
CA THR A 194 -3.27 22.11 22.93
C THR A 194 -3.10 23.60 23.10
N VAL A 195 -3.13 24.07 24.35
CA VAL A 195 -2.87 25.47 24.65
C VAL A 195 -1.40 25.78 24.41
N GLU A 196 -1.13 26.94 23.81
CA GLU A 196 0.24 27.32 23.51
C GLU A 196 1.03 27.54 24.78
N GLY A 197 2.27 27.06 24.79
CA GLY A 197 3.16 27.27 25.92
C GLY A 197 2.72 26.59 27.21
N LEU A 198 2.27 25.34 27.12
CA LEU A 198 1.85 24.62 28.32
C LEU A 198 3.06 24.28 29.17
N ALA A 199 3.07 24.77 30.41
CA ALA A 199 4.16 24.51 31.34
C ALA A 199 4.38 23.02 31.52
N GLY A 200 5.50 22.51 31.00
CA GLY A 200 5.79 21.09 31.08
C GLY A 200 4.95 20.25 30.14
N TYR A 201 4.87 20.66 28.88
CA TYR A 201 4.15 19.89 27.89
C TYR A 201 5.06 18.80 27.32
N ALA A 202 4.58 17.56 27.31
CA ALA A 202 5.39 16.43 26.87
C ALA A 202 5.85 16.61 25.43
N GLY A 203 4.91 16.70 24.49
CA GLY A 203 5.23 16.85 23.09
C GLY A 203 4.30 16.10 22.16
N ILE A 204 4.60 16.12 20.86
CA ILE A 204 3.76 15.43 19.88
C ILE A 204 3.99 13.92 19.98
N GLU A 205 2.90 13.17 20.11
CA GLU A 205 2.96 11.72 20.15
C GLU A 205 2.71 11.14 18.76
N GLN A 206 3.66 11.42 17.87
CA GLN A 206 3.59 10.99 16.47
C GLN A 206 2.29 11.46 15.82
N GLY A 207 2.16 12.79 15.73
CA GLY A 207 0.98 13.38 15.14
C GLY A 207 1.04 14.89 15.06
N ARG A 208 0.31 15.48 14.11
CA ARG A 208 0.25 16.91 13.95
C ARG A 208 -0.78 17.50 14.92
N GLU A 209 -0.34 18.43 15.76
CA GLU A 209 -1.18 19.00 16.80
C GLU A 209 -1.58 20.42 16.45
N ILE A 210 -2.64 20.89 17.11
CA ILE A 210 -3.17 22.24 16.91
C ILE A 210 -2.81 23.06 18.14
N ILE A 211 -2.14 24.18 17.92
CA ILE A 211 -1.66 25.04 19.00
C ILE A 211 -2.50 26.32 18.98
N ILE A 212 -3.13 26.63 20.11
CA ILE A 212 -3.98 27.80 20.25
C ILE A 212 -3.50 28.62 21.45
N ASN A 213 -3.36 29.92 21.27
CA ASN A 213 -3.00 30.79 22.38
C ASN A 213 -4.18 30.93 23.33
N ARG A 214 -3.89 30.83 24.64
CA ARG A 214 -4.94 30.83 25.64
C ARG A 214 -5.72 32.15 25.68
N ALA A 215 -5.11 33.25 25.23
CA ALA A 215 -5.83 34.52 25.23
C ALA A 215 -6.90 34.57 24.15
N LEU A 216 -6.79 33.76 23.11
CA LEU A 216 -7.79 33.74 22.04
C LEU A 216 -9.10 33.09 22.47
N ILE A 217 -9.14 32.42 23.61
CA ILE A 217 -10.40 31.84 24.10
C ILE A 217 -11.36 32.98 24.46
N PRO A 218 -12.62 32.93 23.99
CA PRO A 218 -13.55 34.03 24.27
C PRO A 218 -13.70 34.33 25.76
N SER A 219 -13.31 35.55 26.15
CA SER A 219 -13.31 35.94 27.55
C SER A 219 -14.71 36.09 28.13
N VAL A 220 -15.76 36.10 27.29
CA VAL A 220 -17.12 36.30 27.79
C VAL A 220 -17.82 35.01 28.19
N VAL A 221 -17.21 33.85 27.93
CA VAL A 221 -17.82 32.58 28.32
C VAL A 221 -17.66 32.38 29.82
N ASP A 222 -18.62 31.69 30.42
CA ASP A 222 -18.58 31.44 31.85
C ASP A 222 -17.63 30.31 32.24
N TYR A 223 -17.31 29.42 31.31
CA TYR A 223 -16.40 28.32 31.58
C TYR A 223 -15.86 27.80 30.25
N ALA A 224 -14.57 27.47 30.24
CA ALA A 224 -13.90 26.94 29.05
C ALA A 224 -13.44 25.52 29.36
N ALA A 225 -14.16 24.55 28.81
CA ALA A 225 -13.89 23.13 29.06
C ALA A 225 -12.98 22.59 27.95
N LEU A 226 -11.73 22.28 28.29
CA LEU A 226 -10.77 21.79 27.32
C LEU A 226 -10.44 20.33 27.57
N GLY A 227 -10.06 19.64 26.49
CA GLY A 227 -9.55 18.28 26.57
C GLY A 227 -8.33 18.13 25.69
N HIS A 228 -7.72 16.93 25.77
CA HIS A 228 -6.61 16.41 24.97
C HIS A 228 -5.32 16.33 25.78
N ILE A 229 -5.23 17.07 26.88
CA ILE A 229 -4.05 17.06 27.74
C ILE A 229 -4.31 16.10 28.90
N HIS A 230 -3.32 15.25 29.19
CA HIS A 230 -3.50 14.15 30.13
C HIS A 230 -3.37 14.57 31.59
N SER A 231 -2.90 15.78 31.87
CA SER A 231 -2.74 16.26 33.24
C SER A 231 -3.73 17.38 33.52
N PHE A 232 -4.16 17.46 34.77
CA PHE A 232 -4.98 18.57 35.20
C PHE A 232 -4.22 19.88 35.04
N ARG A 233 -4.90 20.89 34.49
CA ARG A 233 -4.28 22.20 34.26
C ARG A 233 -5.35 23.27 34.40
N GLU A 234 -5.15 24.19 35.33
CA GLU A 234 -5.94 25.42 35.38
C GLU A 234 -5.23 26.44 34.49
N ILE A 235 -5.72 26.59 33.26
CA ILE A 235 -5.03 27.43 32.28
C ILE A 235 -5.11 28.89 32.67
N GLN A 236 -6.30 29.35 33.05
CA GLN A 236 -6.50 30.74 33.43
C GLN A 236 -7.79 30.86 34.21
N LYS A 237 -8.01 32.05 34.78
CA LYS A 237 -9.15 32.31 35.64
C LYS A 237 -10.26 33.08 34.96
N GLN A 238 -9.95 33.86 33.92
CA GLN A 238 -10.94 34.64 33.19
C GLN A 238 -10.65 34.53 31.69
N PRO A 239 -11.40 33.71 30.96
CA PRO A 239 -12.44 32.83 31.52
C PRO A 239 -11.82 31.59 32.15
N LEU A 240 -12.48 31.03 33.16
CA LEU A 240 -11.95 29.82 33.80
C LEU A 240 -11.77 28.72 32.76
N THR A 241 -10.54 28.25 32.62
CA THR A 241 -10.15 27.32 31.57
C THR A 241 -9.39 26.17 32.20
N ILE A 242 -9.90 24.94 32.04
CA ILE A 242 -9.39 23.79 32.77
C ILE A 242 -9.24 22.61 31.83
N TYR A 243 -8.07 21.96 31.88
CA TYR A 243 -7.93 20.59 31.42
C TYR A 243 -8.16 19.67 32.61
N PRO A 244 -9.17 18.79 32.58
CA PRO A 244 -9.34 17.88 33.73
C PRO A 244 -8.24 16.84 33.82
N GLY A 245 -7.66 16.43 32.69
CA GLY A 245 -6.68 15.37 32.67
C GLY A 245 -7.32 14.01 32.49
N SER A 246 -6.48 13.02 32.22
CA SER A 246 -6.95 11.65 32.12
C SER A 246 -7.28 11.10 33.51
N LEU A 247 -7.82 9.89 33.53
CA LEU A 247 -8.18 9.26 34.79
C LEU A 247 -7.14 8.26 35.28
N ILE A 248 -6.26 7.79 34.41
CA ILE A 248 -5.16 6.91 34.79
C ILE A 248 -3.87 7.49 34.23
N ARG A 249 -2.75 7.02 34.77
CA ARG A 249 -1.43 7.36 34.24
C ARG A 249 -1.13 6.38 33.12
N ILE A 250 -1.20 6.87 31.88
CA ILE A 250 -1.24 5.97 30.73
C ILE A 250 0.14 5.39 30.43
N ASP A 251 1.18 6.21 30.56
CA ASP A 251 2.54 5.75 30.31
C ASP A 251 3.50 6.58 31.15
N PHE A 252 4.73 6.09 31.27
CA PHE A 252 5.73 6.79 32.06
C PHE A 252 6.01 8.17 31.46
N GLY A 253 6.25 9.14 32.34
CA GLY A 253 6.19 10.55 32.01
C GLY A 253 5.01 11.27 32.65
N GLU A 254 3.93 10.54 32.94
CA GLU A 254 2.80 11.07 33.69
C GLU A 254 2.89 10.78 35.18
N GLU A 255 4.10 10.51 35.69
CA GLU A 255 4.26 10.15 37.09
C GLU A 255 3.80 11.27 38.01
N ALA A 256 4.01 12.53 37.61
CA ALA A 256 3.72 13.68 38.46
C ALA A 256 2.41 14.35 38.13
N ASP A 257 1.62 13.80 37.21
CA ASP A 257 0.36 14.41 36.82
C ASP A 257 -0.70 14.25 37.91
N GLU A 258 -1.60 15.24 37.99
CA GLU A 258 -2.82 15.09 38.76
C GLU A 258 -3.90 14.54 37.84
N LYS A 259 -4.58 13.49 38.29
CA LYS A 259 -5.55 12.77 37.48
C LYS A 259 -6.94 12.84 38.13
N GLY A 260 -7.95 13.07 37.30
CA GLY A 260 -9.32 13.03 37.76
C GLY A 260 -10.20 13.91 36.89
N ALA A 261 -11.31 14.33 37.48
CA ALA A 261 -12.27 15.24 36.87
C ALA A 261 -12.37 16.50 37.72
N VAL A 262 -13.28 17.40 37.32
CA VAL A 262 -13.51 18.64 38.04
C VAL A 262 -15.00 18.87 38.18
N PHE A 263 -15.41 19.44 39.32
CA PHE A 263 -16.78 19.84 39.57
C PHE A 263 -16.83 21.36 39.61
N VAL A 264 -17.57 21.97 38.67
CA VAL A 264 -17.62 23.42 38.52
C VAL A 264 -19.03 23.89 38.85
N GLU A 265 -19.11 24.95 39.65
CA GLU A 265 -20.39 25.60 39.96
C GLU A 265 -20.33 27.04 39.47
N LEU A 266 -21.33 27.43 38.70
CA LEU A 266 -21.43 28.78 38.14
C LEU A 266 -22.62 29.51 38.74
N LYS A 267 -22.40 30.79 39.08
CA LYS A 267 -23.46 31.69 39.51
C LYS A 267 -23.34 32.97 38.71
N ARG A 268 -24.49 33.51 38.28
CA ARG A 268 -24.49 34.73 37.49
C ARG A 268 -23.96 35.90 38.31
N GLY A 269 -23.05 36.67 37.70
CA GLY A 269 -22.47 37.83 38.34
C GLY A 269 -21.41 37.56 39.38
N GLU A 270 -21.14 36.30 39.69
CA GLU A 270 -20.18 35.92 40.72
C GLU A 270 -19.06 35.08 40.12
N PRO A 271 -17.90 35.02 40.77
CA PRO A 271 -16.80 34.24 40.21
C PRO A 271 -17.10 32.74 40.31
N PRO A 272 -16.57 31.94 39.40
CA PRO A 272 -16.82 30.50 39.43
C PRO A 272 -15.94 29.79 40.45
N ARG A 273 -16.49 28.74 41.05
CA ARG A 273 -15.78 27.89 41.97
C ARG A 273 -15.70 26.48 41.40
N TYR A 274 -14.63 25.77 41.72
CA TYR A 274 -14.47 24.40 41.24
C TYR A 274 -13.66 23.60 42.25
N GLU A 275 -13.95 22.30 42.28
CA GLU A 275 -13.19 21.33 43.07
C GLU A 275 -12.71 20.22 42.16
N ARG A 276 -11.51 19.70 42.43
CA ARG A 276 -11.03 18.53 41.73
C ARG A 276 -11.63 17.27 42.31
N ILE A 277 -11.91 16.29 41.45
CA ILE A 277 -12.31 14.95 41.85
C ILE A 277 -11.16 14.04 41.47
N ASP A 278 -10.28 13.74 42.44
CA ASP A 278 -9.11 12.94 42.16
C ASP A 278 -9.50 11.49 41.91
N ALA A 279 -8.95 10.90 40.86
CA ALA A 279 -9.26 9.53 40.50
C ALA A 279 -8.54 8.50 41.35
N SER A 280 -7.59 8.93 42.17
CA SER A 280 -6.73 8.04 42.94
C SER A 280 -6.09 6.97 42.04
N PRO A 281 -5.36 7.37 41.01
CA PRO A 281 -4.83 6.39 40.06
C PRO A 281 -3.60 5.67 40.62
N LEU A 282 -3.34 4.50 40.05
CA LEU A 282 -2.14 3.76 40.42
C LEU A 282 -0.91 4.58 40.04
N PRO A 283 0.13 4.56 40.87
CA PRO A 283 1.33 5.36 40.57
C PRO A 283 2.25 4.68 39.58
N LEU A 284 3.09 5.50 38.96
CA LEU A 284 4.15 5.03 38.07
C LEU A 284 5.50 5.43 38.67
N LYS A 285 6.52 4.64 38.37
CA LYS A 285 7.85 4.92 38.90
C LYS A 285 8.90 4.44 37.92
N THR A 286 9.87 5.31 37.62
CA THR A 286 11.03 4.97 36.82
C THR A 286 12.23 4.84 37.75
N LEU A 287 12.88 3.69 37.74
CA LEU A 287 14.05 3.42 38.55
C LEU A 287 15.30 3.59 37.70
N TYR A 288 16.17 4.52 38.10
CA TYR A 288 17.40 4.81 37.39
C TYR A 288 18.56 4.20 38.15
N TYR A 289 19.34 3.36 37.47
CA TYR A 289 20.53 2.73 38.04
C TYR A 289 21.71 2.94 37.12
N LYS A 290 22.87 3.21 37.72
CA LYS A 290 24.09 3.28 36.93
C LYS A 290 24.40 1.94 36.27
N LYS A 291 24.45 0.86 37.06
CA LYS A 291 24.65 -0.48 36.57
C LYS A 291 23.76 -1.44 37.35
N ILE A 292 23.26 -2.47 36.67
CA ILE A 292 22.38 -3.46 37.28
C ILE A 292 23.29 -4.51 37.92
N ASP A 293 23.62 -4.30 39.19
CA ASP A 293 24.39 -5.24 39.99
C ASP A 293 23.49 -5.89 41.03
N THR A 294 24.09 -6.77 41.84
CA THR A 294 23.31 -7.48 42.86
C THR A 294 22.77 -6.53 43.91
N SER A 295 23.55 -5.50 44.28
CA SER A 295 23.06 -4.50 45.22
C SER A 295 21.91 -3.71 44.61
N ALA A 296 21.97 -3.43 43.30
CA ALA A 296 20.86 -2.78 42.62
C ALA A 296 19.70 -3.73 42.40
N LEU A 297 19.97 -5.04 42.33
CA LEU A 297 18.90 -6.01 42.12
C LEU A 297 18.00 -6.12 43.34
N LYS A 298 18.60 -6.08 44.54
CA LYS A 298 17.80 -6.11 45.76
C LYS A 298 16.93 -4.86 45.87
N SER A 299 17.47 -3.71 45.45
CA SER A 299 16.69 -2.49 45.44
C SER A 299 15.47 -2.62 44.53
N ILE A 300 15.65 -3.24 43.35
CA ILE A 300 14.55 -3.38 42.40
C ILE A 300 13.45 -4.27 42.96
N ARG A 301 13.82 -5.41 43.52
CA ARG A 301 12.82 -6.36 44.00
C ARG A 301 12.08 -5.83 45.22
N ASP A 302 12.80 -5.31 46.20
CA ASP A 302 12.16 -4.81 47.42
C ASP A 302 11.24 -3.64 47.13
N PHE A 303 11.60 -2.80 46.17
CA PHE A 303 10.76 -1.66 45.83
C PHE A 303 9.41 -2.13 45.28
N CYS A 304 9.43 -3.04 44.31
CA CYS A 304 8.19 -3.48 43.67
C CYS A 304 7.31 -4.28 44.62
N ARG A 305 7.91 -4.95 45.62
CA ARG A 305 7.12 -5.73 46.56
C ARG A 305 6.16 -4.85 47.34
N ASN A 306 6.52 -3.59 47.58
CA ASN A 306 5.69 -2.67 48.34
C ASN A 306 5.07 -1.57 47.50
N PHE A 307 5.42 -1.48 46.21
CA PHE A 307 4.89 -0.43 45.35
C PHE A 307 3.56 -0.86 44.77
N PRO A 308 2.49 -0.10 44.98
CA PRO A 308 1.16 -0.52 44.48
C PRO A 308 0.93 -0.26 43.00
N GLY A 309 1.89 0.34 42.30
CA GLY A 309 1.75 0.67 40.90
C GLY A 309 2.71 -0.10 40.02
N TYR A 310 2.98 0.47 38.85
CA TYR A 310 3.82 -0.15 37.83
C TYR A 310 5.18 0.53 37.79
N VAL A 311 6.21 -0.25 37.50
CA VAL A 311 7.60 0.17 37.63
C VAL A 311 8.33 -0.01 36.31
N ARG A 312 9.13 0.99 35.94
CA ARG A 312 10.07 0.88 34.84
C ARG A 312 11.48 0.99 35.38
N VAL A 313 12.39 0.17 34.84
CA VAL A 313 13.79 0.17 35.21
C VAL A 313 14.61 0.63 34.02
N VAL A 314 15.43 1.67 34.23
CA VAL A 314 16.28 2.23 33.19
C VAL A 314 17.73 2.11 33.63
N TYR A 315 18.58 1.60 32.73
CA TYR A 315 20.00 1.48 33.00
C TYR A 315 20.77 1.52 31.69
N GLU A 316 21.96 2.10 31.74
CA GLU A 316 22.82 2.23 30.57
C GLU A 316 24.03 1.33 30.58
N GLU A 317 24.62 1.09 31.75
CA GLU A 317 25.77 0.19 31.85
C GLU A 317 25.33 -1.24 31.57
N ASP A 318 25.97 -1.87 30.59
CA ASP A 318 25.70 -3.28 30.31
C ASP A 318 25.99 -4.12 31.55
N SER A 319 25.07 -5.01 31.89
CA SER A 319 25.17 -5.84 33.08
C SER A 319 25.02 -7.30 32.71
N GLY A 320 25.54 -7.68 31.54
CA GLY A 320 25.42 -9.04 31.08
C GLY A 320 23.96 -9.40 30.80
N ILE A 321 23.74 -10.71 30.66
CA ILE A 321 22.38 -11.20 30.50
C ILE A 321 21.64 -11.00 31.81
N LEU A 322 20.61 -10.16 31.79
CA LEU A 322 19.85 -9.87 33.00
C LEU A 322 19.08 -11.11 33.44
N PRO A 323 19.00 -11.37 34.74
CA PRO A 323 18.10 -12.42 35.22
C PRO A 323 16.66 -12.08 34.89
N ASP A 324 15.80 -13.11 34.88
CA ASP A 324 14.40 -12.95 34.50
C ASP A 324 13.70 -12.07 35.52
N LEU A 325 13.92 -10.75 35.39
CA LEU A 325 13.31 -9.81 36.32
C LEU A 325 11.81 -9.67 36.10
N MET A 326 11.38 -9.61 34.84
CA MET A 326 9.96 -9.42 34.56
C MET A 326 9.15 -10.70 34.75
N GLY A 327 9.73 -11.85 34.42
CA GLY A 327 9.08 -13.11 34.74
C GLY A 327 8.97 -13.37 36.23
N GLU A 328 9.75 -12.65 37.04
CA GLU A 328 9.75 -12.74 38.49
C GLU A 328 8.93 -11.64 39.16
N ILE A 329 8.96 -10.42 38.62
CA ILE A 329 8.34 -9.26 39.24
C ILE A 329 7.14 -8.86 38.40
N ASP A 330 5.95 -8.98 38.99
CA ASP A 330 4.72 -8.84 38.21
C ASP A 330 4.36 -7.39 37.90
N ASN A 331 4.81 -6.43 38.70
CA ASN A 331 4.50 -5.03 38.45
C ASN A 331 5.67 -4.27 37.83
N LEU A 332 6.71 -4.99 37.38
CA LEU A 332 7.79 -4.41 36.59
C LEU A 332 7.42 -4.61 35.12
N VAL A 333 7.04 -3.53 34.46
CA VAL A 333 6.44 -3.61 33.13
C VAL A 333 7.38 -3.20 32.01
N LYS A 334 8.52 -2.58 32.31
CA LYS A 334 9.38 -2.07 31.24
C LYS A 334 10.81 -1.97 31.74
N ILE A 335 11.75 -2.40 30.90
CA ILE A 335 13.18 -2.26 31.16
C ILE A 335 13.81 -1.65 29.91
N GLU A 336 14.25 -0.40 30.00
CA GLU A 336 14.87 0.26 28.86
C GLU A 336 16.01 1.17 29.32
N HIS B 10 -17.24 -11.56 -24.54
CA HIS B 10 -16.59 -10.34 -24.07
C HIS B 10 -17.53 -9.48 -23.24
N HIS B 11 -17.03 -8.98 -22.11
CA HIS B 11 -17.75 -7.95 -21.37
C HIS B 11 -17.67 -6.63 -22.13
N HIS B 12 -18.65 -5.77 -21.91
CA HIS B 12 -18.70 -4.45 -22.51
C HIS B 12 -18.71 -3.38 -21.41
N VAL B 13 -17.60 -3.26 -20.68
CA VAL B 13 -17.50 -2.21 -19.66
C VAL B 13 -17.43 -0.84 -20.31
N ILE B 14 -18.30 0.07 -19.85
CA ILE B 14 -18.42 1.40 -20.42
C ILE B 14 -17.48 2.37 -19.73
N ASN B 15 -16.83 3.22 -20.53
CA ASN B 15 -15.82 4.18 -20.04
C ASN B 15 -14.70 3.49 -19.28
N LEU B 16 -14.11 2.47 -19.89
CA LEU B 16 -13.01 1.75 -19.27
C LEU B 16 -11.70 2.34 -19.74
N LYS B 17 -10.86 2.75 -18.79
CA LYS B 17 -9.58 3.38 -19.08
C LYS B 17 -8.40 2.43 -18.96
N GLU B 18 -8.63 1.16 -18.66
CA GLU B 18 -7.57 0.19 -18.43
C GLU B 18 -7.51 -0.85 -19.54
N LEU B 19 -6.32 -1.41 -19.72
CA LEU B 19 -6.11 -2.51 -20.66
C LEU B 19 -4.99 -3.38 -20.12
N LYS B 20 -5.33 -4.58 -19.66
CA LYS B 20 -4.34 -5.53 -19.15
C LYS B 20 -3.89 -6.45 -20.27
N ILE B 21 -2.58 -6.50 -20.50
CA ILE B 21 -1.99 -7.15 -21.66
C ILE B 21 -1.03 -8.23 -21.21
N LEU B 22 -1.15 -9.41 -21.82
CA LEU B 22 -0.11 -10.43 -21.77
C LEU B 22 0.64 -10.44 -23.09
N HIS B 23 1.97 -10.31 -23.02
CA HIS B 23 2.81 -10.27 -24.21
C HIS B 23 3.89 -11.32 -24.08
N THR B 24 3.86 -12.32 -24.97
CA THR B 24 4.89 -13.35 -25.05
C THR B 24 5.17 -13.65 -26.51
N SER B 25 6.33 -14.27 -26.76
CA SER B 25 6.77 -14.51 -28.12
C SER B 25 7.97 -15.43 -28.11
N ASP B 26 8.40 -15.82 -29.32
CA ASP B 26 9.64 -16.57 -29.52
C ASP B 26 9.60 -17.90 -28.75
N TRP B 27 8.50 -18.62 -28.92
CA TRP B 27 8.34 -19.90 -28.22
C TRP B 27 9.28 -20.95 -28.76
N HIS B 28 9.47 -20.99 -30.09
CA HIS B 28 10.34 -21.97 -30.75
C HIS B 28 9.84 -23.40 -30.49
N LEU B 29 8.52 -23.58 -30.56
CA LEU B 29 7.95 -24.90 -30.35
C LEU B 29 8.48 -25.90 -31.36
N GLY B 30 8.81 -27.10 -30.87
CA GLY B 30 9.35 -28.15 -31.71
C GLY B 30 10.86 -28.24 -31.76
N VAL B 31 11.56 -27.39 -31.02
CA VAL B 31 13.02 -27.33 -31.11
C VAL B 31 13.62 -28.52 -30.36
N THR B 32 14.63 -29.12 -30.98
CA THR B 32 15.50 -30.09 -30.31
C THR B 32 16.91 -29.54 -30.36
N SER B 33 17.48 -29.28 -29.18
CA SER B 33 18.77 -28.61 -29.10
C SER B 33 19.92 -29.61 -29.21
N TRP B 34 21.04 -29.12 -29.76
CA TRP B 34 22.29 -29.88 -29.84
C TRP B 34 22.11 -31.23 -30.53
N THR B 35 21.41 -31.18 -31.67
CA THR B 35 21.13 -32.41 -32.43
C THR B 35 22.39 -33.09 -32.92
N SER B 36 23.50 -32.36 -33.02
CA SER B 36 24.75 -32.90 -33.56
C SER B 36 25.71 -33.36 -32.46
N SER B 37 25.28 -33.32 -31.20
CA SER B 37 26.09 -33.87 -30.12
C SER B 37 25.26 -34.78 -29.24
N ARG B 38 24.26 -34.23 -28.56
CA ARG B 38 23.28 -35.00 -27.80
C ARG B 38 21.91 -34.36 -27.99
N PRO B 39 21.07 -34.90 -28.84
CA PRO B 39 19.74 -34.32 -29.04
C PRO B 39 18.94 -34.32 -27.74
N VAL B 40 18.48 -33.13 -27.36
CA VAL B 40 17.64 -32.96 -26.18
C VAL B 40 16.33 -32.34 -26.62
N ASP B 41 15.26 -33.13 -26.55
CA ASP B 41 13.94 -32.60 -26.87
C ASP B 41 13.50 -31.62 -25.78
N ARG B 42 13.30 -30.36 -26.18
CA ARG B 42 12.98 -29.29 -25.24
C ARG B 42 11.48 -29.17 -24.97
N ARG B 43 10.68 -30.13 -25.43
CA ARG B 43 9.22 -29.96 -25.41
C ARG B 43 8.67 -29.88 -23.99
N GLU B 44 9.13 -30.77 -23.10
CA GLU B 44 8.57 -30.81 -21.76
C GLU B 44 8.88 -29.52 -21.00
N GLU B 45 10.13 -29.06 -21.05
CA GLU B 45 10.47 -27.80 -20.40
C GLU B 45 9.68 -26.64 -20.99
N LEU B 46 9.46 -26.66 -22.31
CA LEU B 46 8.79 -25.54 -22.96
C LEU B 46 7.31 -25.49 -22.60
N LYS B 47 6.63 -26.64 -22.64
CA LYS B 47 5.24 -26.67 -22.21
C LYS B 47 5.10 -26.34 -20.74
N LYS B 48 6.09 -26.71 -19.92
CA LYS B 48 6.08 -26.32 -18.52
C LYS B 48 6.11 -24.80 -18.37
N ALA B 49 6.88 -24.12 -19.23
CA ALA B 49 6.93 -22.66 -19.20
C ALA B 49 5.65 -22.05 -19.74
N LEU B 50 5.10 -22.63 -20.82
CA LEU B 50 3.88 -22.10 -21.40
C LEU B 50 2.70 -22.23 -20.45
N ASP B 51 2.57 -23.38 -19.77
CA ASP B 51 1.53 -23.55 -18.77
C ASP B 51 1.64 -22.49 -17.68
N LYS B 52 2.87 -22.17 -17.26
CA LYS B 52 3.06 -21.13 -16.26
C LYS B 52 2.55 -19.77 -16.75
N VAL B 53 2.78 -19.46 -18.02
CA VAL B 53 2.34 -18.18 -18.57
C VAL B 53 0.82 -18.15 -18.68
N VAL B 54 0.21 -19.23 -19.17
CA VAL B 54 -1.23 -19.29 -19.30
C VAL B 54 -1.90 -19.14 -17.94
N GLU B 55 -1.36 -19.82 -16.93
CA GLU B 55 -1.95 -19.75 -15.59
C GLU B 55 -1.88 -18.34 -15.02
N GLU B 56 -0.75 -17.65 -15.22
CA GLU B 56 -0.63 -16.28 -14.72
C GLU B 56 -1.60 -15.34 -15.42
N ALA B 57 -1.82 -15.55 -16.73
CA ALA B 57 -2.76 -14.71 -17.46
C ALA B 57 -4.17 -14.88 -16.93
N GLU B 58 -4.55 -16.13 -16.61
CA GLU B 58 -5.85 -16.38 -16.01
C GLU B 58 -5.95 -15.76 -14.62
N LYS B 59 -4.86 -15.81 -13.85
CA LYS B 59 -4.85 -15.19 -12.53
C LYS B 59 -5.07 -13.68 -12.61
N ARG B 60 -4.33 -13.02 -13.50
CA ARG B 60 -4.43 -11.58 -13.62
C ARG B 60 -5.61 -11.14 -14.48
N GLU B 61 -6.31 -12.07 -15.12
CA GLU B 61 -7.47 -11.77 -15.96
C GLU B 61 -7.14 -10.70 -16.99
N VAL B 62 -6.16 -11.03 -17.85
CA VAL B 62 -5.70 -10.07 -18.85
C VAL B 62 -6.81 -9.84 -19.87
N ASP B 63 -6.78 -8.65 -20.48
CA ASP B 63 -7.78 -8.29 -21.48
C ASP B 63 -7.37 -8.64 -22.90
N LEU B 64 -6.07 -8.75 -23.15
CA LEU B 64 -5.56 -8.97 -24.50
C LEU B 64 -4.25 -9.75 -24.41
N ILE B 65 -4.03 -10.61 -25.41
CA ILE B 65 -2.85 -11.45 -25.46
C ILE B 65 -2.14 -11.21 -26.78
N LEU B 66 -0.88 -10.82 -26.71
CA LEU B 66 -0.09 -10.46 -27.88
C LEU B 66 1.00 -11.50 -28.11
N LEU B 67 1.06 -12.02 -29.33
CA LEU B 67 2.09 -12.96 -29.75
C LEU B 67 2.82 -12.35 -30.94
N THR B 68 4.14 -12.25 -30.85
CA THR B 68 4.92 -11.50 -31.84
C THR B 68 5.97 -12.36 -32.52
N GLY B 69 5.66 -13.62 -32.78
CA GLY B 69 6.36 -14.39 -33.80
C GLY B 69 7.36 -15.38 -33.24
N ASP B 70 7.93 -16.14 -34.18
CA ASP B 70 8.86 -17.23 -33.89
C ASP B 70 8.28 -18.20 -32.87
N LEU B 71 6.98 -18.47 -33.00
CA LEU B 71 6.33 -19.44 -32.12
C LEU B 71 6.73 -20.88 -32.46
N LEU B 72 7.16 -21.12 -33.70
CA LEU B 72 7.64 -22.42 -34.13
C LEU B 72 9.11 -22.33 -34.49
N HIS B 73 9.88 -23.35 -34.13
CA HIS B 73 11.31 -23.33 -34.42
C HIS B 73 11.59 -23.57 -35.89
N SER B 74 10.88 -24.50 -36.52
CA SER B 74 11.12 -24.88 -37.91
C SER B 74 10.29 -23.98 -38.83
N ARG B 75 10.97 -23.24 -39.70
CA ARG B 75 10.28 -22.38 -40.65
C ARG B 75 9.69 -23.16 -41.82
N ASN B 76 10.18 -24.37 -42.09
CA ASN B 76 9.76 -25.12 -43.27
C ASN B 76 8.69 -26.15 -42.92
N ASN B 77 9.10 -27.30 -42.39
CA ASN B 77 8.19 -28.38 -42.03
C ASN B 77 8.21 -28.59 -40.53
N PRO B 78 7.36 -27.88 -39.78
CA PRO B 78 7.23 -28.16 -38.35
C PRO B 78 6.58 -29.51 -38.15
N SER B 79 7.05 -30.24 -37.13
CA SER B 79 6.51 -31.54 -36.83
C SER B 79 5.02 -31.43 -36.48
N VAL B 80 4.31 -32.54 -36.66
CA VAL B 80 2.90 -32.59 -36.28
C VAL B 80 2.75 -32.28 -34.80
N VAL B 81 3.71 -32.76 -33.99
CA VAL B 81 3.68 -32.47 -32.56
C VAL B 81 3.81 -30.97 -32.31
N ALA B 82 4.71 -30.31 -33.05
CA ALA B 82 4.89 -28.88 -32.86
C ALA B 82 3.63 -28.09 -33.24
N LEU B 83 3.02 -28.45 -34.37
CA LEU B 83 1.80 -27.77 -34.78
C LEU B 83 0.66 -28.04 -33.81
N HIS B 84 0.59 -29.27 -33.29
CA HIS B 84 -0.47 -29.60 -32.33
C HIS B 84 -0.31 -28.79 -31.06
N ASP B 85 0.92 -28.69 -30.54
CA ASP B 85 1.15 -27.90 -29.34
C ASP B 85 0.80 -26.43 -29.57
N LEU B 86 1.15 -25.89 -30.74
CA LEU B 86 0.84 -24.50 -31.04
C LEU B 86 -0.67 -24.27 -31.05
N LEU B 87 -1.41 -25.05 -31.82
CA LEU B 87 -2.86 -24.90 -31.85
C LEU B 87 -3.49 -25.18 -30.49
N ASP B 88 -2.88 -26.08 -29.72
CA ASP B 88 -3.39 -26.35 -28.37
C ASP B 88 -3.30 -25.11 -27.49
N TYR B 89 -2.14 -24.44 -27.50
CA TYR B 89 -1.95 -23.29 -26.62
C TYR B 89 -2.66 -22.04 -27.13
N LEU B 90 -2.83 -21.90 -28.44
CA LEU B 90 -3.71 -20.85 -28.94
C LEU B 90 -5.12 -21.02 -28.41
N LYS B 91 -5.61 -22.26 -28.38
CA LYS B 91 -6.95 -22.54 -27.89
C LYS B 91 -7.09 -22.17 -26.42
N ARG B 92 -6.10 -22.54 -25.60
CA ARG B 92 -6.16 -22.21 -24.18
C ARG B 92 -6.15 -20.70 -23.96
N MET B 93 -5.34 -19.97 -24.72
CA MET B 93 -5.27 -18.52 -24.54
C MET B 93 -6.53 -17.84 -25.03
N MET B 94 -7.12 -18.33 -26.13
CA MET B 94 -8.37 -17.76 -26.62
C MET B 94 -9.48 -17.86 -25.59
N ARG B 95 -9.49 -18.93 -24.79
CA ARG B 95 -10.47 -19.07 -23.72
C ARG B 95 -10.26 -18.03 -22.62
N THR B 96 -9.05 -17.50 -22.48
CA THR B 96 -8.75 -16.51 -21.45
C THR B 96 -9.03 -15.10 -21.95
N ALA B 97 -8.51 -14.74 -23.11
CA ALA B 97 -8.64 -13.38 -23.63
C ALA B 97 -8.47 -13.43 -25.14
N PRO B 98 -8.95 -12.41 -25.86
CA PRO B 98 -8.68 -12.34 -27.30
C PRO B 98 -7.18 -12.31 -27.57
N VAL B 99 -6.77 -12.96 -28.66
CA VAL B 99 -5.36 -13.14 -29.00
C VAL B 99 -5.08 -12.45 -30.33
N VAL B 100 -4.01 -11.66 -30.37
CA VAL B 100 -3.52 -11.06 -31.60
C VAL B 100 -2.16 -11.70 -31.91
N VAL B 101 -2.03 -12.24 -33.11
CA VAL B 101 -0.85 -13.01 -33.49
C VAL B 101 -0.13 -12.28 -34.62
N LEU B 102 1.12 -11.89 -34.38
CA LEU B 102 2.00 -11.40 -35.42
C LEU B 102 3.04 -12.48 -35.68
N PRO B 103 2.88 -13.31 -36.71
CA PRO B 103 3.82 -14.42 -36.90
C PRO B 103 5.16 -13.93 -37.43
N GLY B 104 6.18 -14.74 -37.19
CA GLY B 104 7.50 -14.47 -37.72
C GLY B 104 7.56 -14.79 -39.20
N ASN B 105 8.79 -14.80 -39.71
CA ASN B 105 9.03 -15.09 -41.12
C ASN B 105 8.94 -16.59 -41.33
N HIS B 106 7.71 -17.07 -41.47
CA HIS B 106 7.49 -18.47 -41.81
C HIS B 106 7.55 -18.64 -43.34
N ASP B 107 7.79 -19.88 -43.77
CA ASP B 107 8.15 -20.14 -45.15
C ASP B 107 6.96 -20.53 -46.03
N TRP B 108 6.01 -21.31 -45.53
CA TRP B 108 4.93 -21.78 -46.39
C TRP B 108 3.85 -20.72 -46.50
N LYS B 109 3.37 -20.50 -47.72
CA LYS B 109 2.47 -19.39 -48.00
C LYS B 109 1.06 -19.64 -47.48
N GLY B 110 0.69 -20.89 -47.22
CA GLY B 110 -0.62 -21.19 -46.68
C GLY B 110 -0.92 -20.53 -45.35
N LEU B 111 0.11 -20.10 -44.63
CA LEU B 111 -0.09 -19.50 -43.31
C LEU B 111 -0.98 -18.26 -43.40
N LYS B 112 -0.78 -17.42 -44.43
CA LYS B 112 -1.62 -16.23 -44.55
C LYS B 112 -3.06 -16.60 -44.86
N LEU B 113 -3.28 -17.65 -45.66
CA LEU B 113 -4.65 -18.05 -45.96
C LEU B 113 -5.31 -18.68 -44.74
N PHE B 114 -4.58 -19.55 -44.03
CA PHE B 114 -5.07 -20.09 -42.77
C PHE B 114 -5.35 -18.98 -41.78
N GLY B 115 -4.42 -18.03 -41.65
CA GLY B 115 -4.59 -16.96 -40.68
C GLY B 115 -5.80 -16.08 -40.96
N ASN B 116 -5.97 -15.69 -42.22
CA ASN B 116 -7.12 -14.86 -42.56
C ASN B 116 -8.43 -15.61 -42.39
N PHE B 117 -8.44 -16.90 -42.72
CA PHE B 117 -9.64 -17.71 -42.54
C PHE B 117 -10.01 -17.83 -41.06
N VAL B 118 -9.01 -18.12 -40.22
CA VAL B 118 -9.26 -18.24 -38.79
C VAL B 118 -9.70 -16.91 -38.21
N THR B 119 -9.08 -15.81 -38.67
CA THR B 119 -9.48 -14.49 -38.23
C THR B 119 -10.94 -14.18 -38.58
N SER B 120 -11.39 -14.69 -39.73
CA SER B 120 -12.74 -14.36 -40.20
C SER B 120 -13.83 -15.04 -39.37
N ILE B 121 -13.55 -16.25 -38.86
CA ILE B 121 -14.59 -17.06 -38.23
C ILE B 121 -14.60 -16.95 -36.71
N SER B 122 -13.69 -16.19 -36.12
CA SER B 122 -13.60 -16.07 -34.67
C SER B 122 -13.25 -14.65 -34.28
N SER B 123 -13.96 -14.14 -33.27
CA SER B 123 -13.65 -12.83 -32.71
C SER B 123 -12.55 -12.88 -31.65
N ASP B 124 -12.11 -14.06 -31.24
CA ASP B 124 -11.18 -14.22 -30.14
C ASP B 124 -9.74 -14.42 -30.60
N ILE B 125 -9.47 -14.40 -31.90
CA ILE B 125 -8.10 -14.51 -32.40
C ILE B 125 -7.98 -13.69 -33.67
N THR B 126 -6.85 -12.99 -33.81
CA THR B 126 -6.57 -12.17 -34.98
C THR B 126 -5.14 -12.40 -35.42
N PHE B 127 -4.97 -12.72 -36.70
CA PHE B 127 -3.65 -12.82 -37.33
C PHE B 127 -3.39 -11.55 -38.11
N VAL B 128 -2.32 -10.83 -37.77
CA VAL B 128 -1.90 -9.64 -38.49
C VAL B 128 -0.66 -10.02 -39.30
N MET B 129 -0.83 -10.15 -40.61
CA MET B 129 0.24 -10.60 -41.50
C MET B 129 0.48 -9.61 -42.63
N SER B 130 0.21 -8.33 -42.38
CA SER B 130 0.50 -7.28 -43.34
C SER B 130 0.80 -6.01 -42.55
N PHE B 131 1.22 -4.97 -43.28
CA PHE B 131 1.41 -3.66 -42.67
C PHE B 131 0.09 -2.89 -42.52
N GLU B 132 -1.02 -3.51 -42.87
CA GLU B 132 -2.32 -2.85 -42.75
C GLU B 132 -2.83 -2.93 -41.32
N PRO B 133 -3.22 -1.82 -40.72
CA PRO B 133 -3.70 -1.86 -39.33
C PRO B 133 -5.02 -2.59 -39.22
N VAL B 134 -5.27 -3.13 -38.02
CA VAL B 134 -6.49 -3.87 -37.72
C VAL B 134 -7.01 -3.41 -36.37
N ASP B 135 -8.31 -3.17 -36.28
CA ASP B 135 -8.97 -2.85 -35.02
C ASP B 135 -9.52 -4.13 -34.40
N VAL B 136 -9.29 -4.30 -33.11
CA VAL B 136 -9.74 -5.48 -32.37
C VAL B 136 -10.44 -5.03 -31.10
N GLU B 137 -11.24 -5.93 -30.54
CA GLU B 137 -11.94 -5.69 -29.30
C GLU B 137 -11.34 -6.58 -28.21
N ALA B 138 -10.96 -5.96 -27.09
CA ALA B 138 -10.33 -6.68 -26.00
C ALA B 138 -11.41 -7.38 -25.16
N LYS B 139 -10.99 -7.97 -24.04
CA LYS B 139 -11.90 -8.79 -23.24
C LYS B 139 -13.05 -7.98 -22.67
N ARG B 140 -12.77 -6.76 -22.19
CA ARG B 140 -13.77 -5.93 -21.54
C ARG B 140 -14.28 -4.81 -22.45
N GLY B 141 -14.27 -5.03 -23.76
CA GLY B 141 -14.85 -4.10 -24.70
C GLY B 141 -13.93 -3.01 -25.19
N GLN B 142 -12.71 -2.91 -24.67
CA GLN B 142 -11.79 -1.86 -25.10
C GLN B 142 -11.47 -2.00 -26.57
N LYS B 143 -11.51 -0.89 -27.29
CA LYS B 143 -11.15 -0.87 -28.70
C LYS B 143 -9.66 -0.62 -28.83
N VAL B 144 -8.96 -1.50 -29.52
CA VAL B 144 -7.50 -1.44 -29.63
C VAL B 144 -7.13 -1.44 -31.10
N ARG B 145 -6.38 -0.44 -31.52
CA ARG B 145 -5.87 -0.37 -32.88
C ARG B 145 -4.48 -1.00 -32.93
N ILE B 146 -4.34 -2.06 -33.72
CA ILE B 146 -3.08 -2.78 -33.82
C ILE B 146 -2.29 -2.22 -35.00
N LEU B 147 -1.06 -1.79 -34.74
CA LEU B 147 -0.18 -1.29 -35.77
C LEU B 147 0.88 -2.35 -36.08
N PRO B 148 0.65 -3.20 -37.08
CA PRO B 148 1.54 -4.34 -37.30
C PRO B 148 2.67 -4.03 -38.26
N PHE B 149 3.84 -4.57 -37.94
CA PHE B 149 5.05 -4.39 -38.76
C PHE B 149 5.73 -5.75 -38.84
N PRO B 150 5.28 -6.60 -39.74
CA PRO B 150 5.84 -7.96 -39.82
C PRO B 150 7.13 -7.98 -40.63
N TYR B 151 7.77 -9.14 -40.60
CA TYR B 151 8.91 -9.37 -41.47
C TYR B 151 8.42 -9.24 -42.91
N PRO B 152 9.07 -8.44 -43.75
CA PRO B 152 8.55 -8.24 -45.11
C PRO B 152 8.57 -9.52 -45.93
N ASP B 153 9.46 -9.59 -46.91
CA ASP B 153 9.65 -10.79 -47.70
C ASP B 153 11.08 -10.82 -48.20
N GLU B 154 11.52 -12.02 -48.60
CA GLU B 154 12.76 -12.13 -49.35
C GLU B 154 12.74 -11.27 -50.60
N SER B 155 11.56 -11.13 -51.24
CA SER B 155 11.48 -10.43 -52.52
C SER B 155 11.79 -8.95 -52.39
N GLU B 156 11.07 -8.23 -51.52
CA GLU B 156 11.38 -6.81 -51.33
C GLU B 156 12.76 -6.60 -50.73
N ALA B 157 13.23 -7.53 -49.89
CA ALA B 157 14.61 -7.49 -49.45
C ALA B 157 15.57 -7.82 -50.58
N LEU B 158 15.14 -8.64 -51.54
CA LEU B 158 15.96 -8.98 -52.70
C LEU B 158 16.20 -7.79 -53.63
N ARG B 159 15.55 -6.65 -53.40
CA ARG B 159 15.89 -5.45 -54.15
C ARG B 159 17.37 -5.12 -54.05
N LYS B 160 17.99 -5.48 -52.92
CA LYS B 160 19.44 -5.37 -52.70
C LYS B 160 19.94 -3.92 -52.70
N ASN B 161 19.06 -2.97 -53.00
CA ASN B 161 19.40 -1.56 -52.92
C ASN B 161 19.09 -1.09 -51.50
N GLU B 162 20.13 -0.81 -50.73
CA GLU B 162 19.95 -0.51 -49.31
C GLU B 162 19.16 0.76 -49.09
N GLY B 163 19.28 1.74 -50.00
CA GLY B 163 18.60 3.00 -49.80
C GLY B 163 17.09 2.87 -49.94
N ASP B 164 16.63 2.26 -51.03
CA ASP B 164 15.19 2.14 -51.28
C ASP B 164 14.53 1.22 -50.25
N PHE B 165 15.21 0.13 -49.89
CA PHE B 165 14.63 -0.81 -48.93
C PHE B 165 14.41 -0.14 -47.56
N ARG B 166 15.40 0.63 -47.10
CA ARG B 166 15.22 1.37 -45.86
C ARG B 166 14.09 2.39 -45.98
N PHE B 167 13.99 3.05 -47.14
CA PHE B 167 12.92 4.04 -47.32
C PHE B 167 11.56 3.37 -47.32
N PHE B 168 11.45 2.18 -47.91
CA PHE B 168 10.21 1.41 -47.83
C PHE B 168 9.82 1.15 -46.39
N LEU B 169 10.77 0.71 -45.57
CA LEU B 169 10.47 0.41 -44.17
C LEU B 169 10.07 1.68 -43.42
N GLU B 170 10.75 2.79 -43.68
CA GLU B 170 10.40 4.03 -43.01
C GLU B 170 9.05 4.56 -43.49
N SER B 171 8.73 4.35 -44.76
CA SER B 171 7.42 4.74 -45.27
CA SER B 171 7.41 4.75 -45.27
C SER B 171 6.31 3.99 -44.55
N ARG B 172 6.50 2.67 -44.35
CA ARG B 172 5.52 1.88 -43.63
C ARG B 172 5.39 2.35 -42.18
N LEU B 173 6.52 2.74 -41.57
CA LEU B 173 6.48 3.21 -40.19
C LEU B 173 5.76 4.54 -40.06
N ASN B 174 6.03 5.48 -40.96
CA ASN B 174 5.32 6.76 -40.94
C ASN B 174 3.82 6.54 -41.15
N LYS B 175 3.46 5.65 -42.07
CA LYS B 175 2.05 5.34 -42.30
C LYS B 175 1.41 4.76 -41.05
N LEU B 176 2.12 3.86 -40.37
CA LEU B 176 1.60 3.33 -39.10
C LEU B 176 1.43 4.42 -38.06
N TYR B 177 2.30 5.42 -38.07
CA TYR B 177 2.15 6.56 -37.18
C TYR B 177 0.87 7.32 -37.47
N GLU B 178 0.61 7.62 -38.74
CA GLU B 178 -0.60 8.33 -39.12
C GLU B 178 -1.85 7.60 -38.64
N GLU B 179 -1.92 6.29 -38.88
CA GLU B 179 -3.09 5.53 -38.46
C GLU B 179 -3.14 5.36 -36.94
N ALA B 180 -1.99 5.43 -36.26
CA ALA B 180 -2.02 5.38 -34.80
C ALA B 180 -2.64 6.64 -34.21
N LEU B 181 -2.53 7.77 -34.92
CA LEU B 181 -3.19 8.99 -34.47
C LEU B 181 -4.70 8.85 -34.51
N LYS B 182 -5.23 8.10 -35.47
CA LYS B 182 -6.67 7.91 -35.61
C LYS B 182 -7.15 6.78 -34.70
N LYS B 183 -6.46 6.55 -33.59
CA LYS B 183 -6.87 5.51 -32.66
C LYS B 183 -8.16 5.90 -31.97
N GLU B 184 -8.68 4.96 -31.16
CA GLU B 184 -9.92 5.18 -30.42
C GLU B 184 -9.66 5.14 -28.92
N ASP B 185 -9.39 3.96 -28.36
CA ASP B 185 -9.00 3.83 -26.96
C ASP B 185 -7.50 3.60 -26.81
N PHE B 186 -6.99 2.52 -27.42
CA PHE B 186 -5.58 2.18 -27.32
C PHE B 186 -5.03 1.89 -28.71
N ALA B 187 -3.74 2.19 -28.88
CA ALA B 187 -3.00 1.85 -30.09
C ALA B 187 -1.76 1.06 -29.68
N ILE B 188 -1.55 -0.08 -30.32
CA ILE B 188 -0.47 -0.99 -29.96
C ILE B 188 0.33 -1.33 -31.20
N PHE B 189 1.64 -1.11 -31.13
CA PHE B 189 2.55 -1.46 -32.21
C PHE B 189 3.06 -2.88 -32.01
N MET B 190 3.05 -3.66 -33.08
CA MET B 190 3.55 -5.04 -33.06
C MET B 190 4.56 -5.18 -34.18
N GLY B 191 5.79 -5.53 -33.84
CA GLY B 191 6.85 -5.65 -34.82
C GLY B 191 7.67 -6.90 -34.58
N HIS B 192 8.17 -7.47 -35.68
CA HIS B 192 9.05 -8.63 -35.65
C HIS B 192 10.30 -8.25 -36.42
N PHE B 193 11.29 -7.70 -35.71
CA PHE B 193 12.53 -7.25 -36.32
C PHE B 193 13.57 -7.08 -35.22
N THR B 194 14.77 -6.66 -35.63
CA THR B 194 15.88 -6.41 -34.71
C THR B 194 16.07 -4.91 -34.54
N VAL B 195 16.04 -4.44 -33.29
CA VAL B 195 16.30 -3.03 -33.02
C VAL B 195 17.78 -2.73 -33.26
N GLU B 196 18.05 -1.58 -33.87
CA GLU B 196 19.43 -1.20 -34.18
C GLU B 196 20.24 -0.95 -32.92
N GLY B 197 21.48 -1.43 -32.94
CA GLY B 197 22.39 -1.20 -31.83
C GLY B 197 21.99 -1.87 -30.53
N LEU B 198 21.56 -3.13 -30.61
CA LEU B 198 21.13 -3.85 -29.42
C LEU B 198 22.34 -4.16 -28.53
N ALA B 199 22.31 -3.66 -27.30
CA ALA B 199 23.39 -3.87 -26.35
C ALA B 199 23.65 -5.36 -26.14
N GLY B 200 24.77 -5.84 -26.65
CA GLY B 200 25.11 -7.25 -26.53
C GLY B 200 24.28 -8.15 -27.44
N TYR B 201 24.15 -7.77 -28.71
CA TYR B 201 23.45 -8.58 -29.68
C TYR B 201 24.41 -9.61 -30.27
N ALA B 202 23.98 -10.88 -30.27
CA ALA B 202 24.84 -11.97 -30.74
C ALA B 202 25.27 -11.76 -32.19
N GLY B 203 24.29 -11.70 -33.09
CA GLY B 203 24.56 -11.55 -34.50
C GLY B 203 23.56 -12.32 -35.32
N ILE B 204 23.79 -12.35 -36.63
CA ILE B 204 22.88 -13.04 -37.53
C ILE B 204 23.06 -14.55 -37.38
N GLU B 205 21.95 -15.26 -37.15
CA GLU B 205 21.97 -16.71 -37.04
C GLU B 205 21.59 -17.34 -38.38
N GLN B 206 22.50 -17.18 -39.33
CA GLN B 206 22.35 -17.69 -40.70
C GLN B 206 21.07 -17.19 -41.35
N GLY B 207 21.00 -15.87 -41.51
CA GLY B 207 19.85 -15.25 -42.15
C GLY B 207 19.97 -13.74 -42.27
N ARG B 208 19.34 -13.16 -43.29
CA ARG B 208 19.32 -11.71 -43.46
C ARG B 208 18.20 -11.13 -42.61
N GLU B 209 18.56 -10.25 -41.68
CA GLU B 209 17.61 -9.68 -40.74
C GLU B 209 17.33 -8.21 -41.05
N ILE B 210 16.24 -7.71 -40.46
CA ILE B 210 15.79 -6.34 -40.67
C ILE B 210 16.17 -5.53 -39.43
N ILE B 211 16.91 -4.45 -39.65
CA ILE B 211 17.42 -3.60 -38.57
C ILE B 211 16.63 -2.29 -38.58
N ILE B 212 16.00 -1.96 -37.45
CA ILE B 212 15.18 -0.76 -37.33
C ILE B 212 15.68 0.05 -36.14
N ASN B 213 15.87 1.35 -36.35
CA ASN B 213 16.22 2.23 -35.25
C ASN B 213 15.01 2.44 -34.34
N ARG B 214 15.25 2.38 -33.03
CA ARG B 214 14.17 2.40 -32.06
C ARG B 214 13.39 3.72 -32.10
N ALA B 215 14.00 4.80 -32.57
CA ALA B 215 13.30 6.09 -32.65
C ALA B 215 12.23 6.10 -33.73
N LEU B 216 12.35 5.24 -34.75
CA LEU B 216 11.37 5.20 -35.83
C LEU B 216 10.03 4.61 -35.39
N ILE B 217 9.97 3.98 -34.22
CA ILE B 217 8.71 3.44 -33.71
C ILE B 217 7.76 4.59 -33.41
N PRO B 218 6.50 4.54 -33.86
CA PRO B 218 5.56 5.64 -33.62
C PRO B 218 5.43 5.95 -32.13
N SER B 219 5.80 7.18 -31.77
CA SER B 219 5.80 7.60 -30.37
C SER B 219 4.40 7.74 -29.78
N VAL B 220 3.35 7.70 -30.61
CA VAL B 220 1.99 7.89 -30.12
C VAL B 220 1.31 6.60 -29.69
N VAL B 221 1.95 5.45 -29.90
CA VAL B 221 1.37 4.19 -29.48
C VAL B 221 1.51 4.04 -27.97
N ASP B 222 0.55 3.34 -27.36
CA ASP B 222 0.59 3.11 -25.92
C ASP B 222 1.54 1.99 -25.52
N TYR B 223 1.86 1.09 -26.45
CA TYR B 223 2.77 -0.01 -26.17
C TYR B 223 3.31 -0.53 -27.50
N ALA B 224 4.60 -0.87 -27.50
CA ALA B 224 5.27 -1.42 -28.68
C ALA B 224 5.70 -2.85 -28.36
N ALA B 225 4.97 -3.82 -28.89
CA ALA B 225 5.22 -5.23 -28.63
C ALA B 225 6.12 -5.78 -29.74
N LEU B 226 7.36 -6.11 -29.39
CA LEU B 226 8.33 -6.61 -30.36
C LEU B 226 8.64 -8.08 -30.11
N GLY B 227 9.04 -8.76 -31.19
CA GLY B 227 9.54 -10.11 -31.11
C GLY B 227 10.80 -10.27 -31.96
N HIS B 228 11.38 -11.47 -31.86
CA HIS B 228 12.51 -12.00 -32.64
C HIS B 228 13.78 -12.12 -31.80
N ILE B 229 13.87 -11.35 -30.71
CA ILE B 229 15.03 -11.39 -29.83
C ILE B 229 14.74 -12.32 -28.65
N HIS B 230 15.71 -13.17 -28.32
CA HIS B 230 15.50 -14.25 -27.36
C HIS B 230 15.60 -13.80 -25.90
N SER B 231 16.07 -12.59 -25.63
CA SER B 231 16.21 -12.11 -24.26
C SER B 231 15.22 -10.98 -23.99
N PHE B 232 14.77 -10.90 -22.74
CA PHE B 232 13.95 -9.77 -22.33
C PHE B 232 14.74 -8.47 -22.47
N ARG B 233 14.12 -7.46 -23.07
CA ARG B 233 14.77 -6.18 -23.28
C ARG B 233 13.72 -5.07 -23.23
N GLU B 234 13.90 -4.12 -22.32
CA GLU B 234 13.14 -2.88 -22.31
C GLU B 234 13.88 -1.90 -23.22
N ILE B 235 13.42 -1.75 -24.46
CA ILE B 235 14.14 -0.95 -25.44
C ILE B 235 14.07 0.53 -25.07
N GLN B 236 12.89 1.02 -24.70
CA GLN B 236 12.71 2.42 -24.35
C GLN B 236 11.44 2.57 -23.53
N LYS B 237 11.25 3.76 -22.97
CA LYS B 237 10.14 4.02 -22.05
C LYS B 237 8.98 4.75 -22.67
N GLN B 238 9.22 5.56 -23.70
CA GLN B 238 8.16 6.30 -24.40
C GLN B 238 8.45 6.29 -25.89
N PRO B 239 7.75 5.47 -26.68
CA PRO B 239 6.72 4.55 -26.17
C PRO B 239 7.33 3.30 -25.54
N LEU B 240 6.63 2.72 -24.58
CA LEU B 240 7.11 1.50 -23.93
C LEU B 240 7.31 0.41 -24.97
N THR B 241 8.55 -0.07 -25.09
CA THR B 241 8.95 -1.00 -26.14
C THR B 241 9.72 -2.15 -25.50
N ILE B 242 9.22 -3.37 -25.66
CA ILE B 242 9.72 -4.51 -24.93
C ILE B 242 9.88 -5.71 -25.86
N TYR B 243 11.05 -6.35 -25.81
CA TYR B 243 11.18 -7.73 -26.24
C TYR B 243 10.94 -8.64 -25.04
N PRO B 244 9.94 -9.53 -25.07
CA PRO B 244 9.75 -10.43 -23.92
C PRO B 244 10.84 -11.47 -23.80
N GLY B 245 11.42 -11.92 -24.90
CA GLY B 245 12.38 -13.00 -24.90
C GLY B 245 11.70 -14.35 -25.05
N SER B 246 12.54 -15.36 -25.30
CA SER B 246 12.05 -16.73 -25.40
C SER B 246 11.69 -17.25 -24.01
N LEU B 247 11.13 -18.46 -23.98
CA LEU B 247 10.73 -19.09 -22.73
C LEU B 247 11.75 -20.10 -22.21
N ILE B 248 12.64 -20.60 -23.07
CA ILE B 248 13.70 -21.50 -22.67
C ILE B 248 15.02 -20.95 -23.20
N ARG B 249 16.11 -21.45 -22.63
CA ARG B 249 17.44 -21.13 -23.13
C ARG B 249 17.76 -22.08 -24.27
N ILE B 250 17.68 -21.57 -25.50
CA ILE B 250 17.63 -22.43 -26.67
C ILE B 250 19.01 -23.02 -26.99
N ASP B 251 20.06 -22.22 -26.82
CA ASP B 251 21.42 -22.70 -27.08
C ASP B 251 22.38 -21.90 -26.22
N PHE B 252 23.61 -22.41 -26.11
CA PHE B 252 24.62 -21.73 -25.32
C PHE B 252 24.93 -20.37 -25.94
N GLY B 253 25.16 -19.39 -25.06
CA GLY B 253 25.12 -17.98 -25.42
C GLY B 253 23.95 -17.26 -24.78
N GLU B 254 22.87 -17.98 -24.50
CA GLU B 254 21.72 -17.45 -23.77
C GLU B 254 21.79 -17.76 -22.27
N GLU B 255 22.99 -18.04 -21.75
CA GLU B 255 23.12 -18.41 -20.35
C GLU B 255 22.67 -17.30 -19.42
N ALA B 256 22.91 -16.05 -19.79
CA ALA B 256 22.63 -14.91 -18.93
C ALA B 256 21.34 -14.18 -19.29
N ASP B 257 20.57 -14.70 -20.24
CA ASP B 257 19.34 -14.03 -20.64
C ASP B 257 18.25 -14.20 -19.59
N GLU B 258 17.37 -13.21 -19.50
CA GLU B 258 16.13 -13.34 -18.76
C GLU B 258 15.06 -13.88 -19.69
N LYS B 259 14.35 -14.93 -19.25
CA LYS B 259 13.38 -15.63 -20.07
C LYS B 259 12.00 -15.53 -19.46
N GLY B 260 11.00 -15.28 -20.29
CA GLY B 260 9.63 -15.28 -19.84
C GLY B 260 8.77 -14.38 -20.70
N ALA B 261 7.65 -13.97 -20.13
CA ALA B 261 6.72 -13.04 -20.75
C ALA B 261 6.62 -11.77 -19.90
N VAL B 262 5.73 -10.86 -20.32
CA VAL B 262 5.52 -9.62 -19.60
C VAL B 262 4.02 -9.37 -19.46
N PHE B 263 3.62 -8.79 -18.34
CA PHE B 263 2.26 -8.36 -18.09
C PHE B 263 2.24 -6.83 -18.08
N VAL B 264 1.54 -6.25 -19.04
CA VAL B 264 1.52 -4.80 -19.25
C VAL B 264 0.12 -4.28 -18.93
N GLU B 265 0.06 -3.20 -18.15
CA GLU B 265 -1.20 -2.52 -17.87
C GLU B 265 -1.13 -1.10 -18.39
N LEU B 266 -2.13 -0.72 -19.19
CA LEU B 266 -2.22 0.62 -19.77
C LEU B 266 -3.39 1.35 -19.14
N LYS B 267 -3.18 2.61 -18.79
CA LYS B 267 -4.24 3.46 -18.28
C LYS B 267 -4.21 4.79 -19.03
N ARG B 268 -5.40 5.29 -19.38
CA ARG B 268 -5.50 6.54 -20.12
C ARG B 268 -4.94 7.68 -19.28
N GLY B 269 -4.09 8.50 -19.88
CA GLY B 269 -3.51 9.65 -19.21
C GLY B 269 -2.44 9.34 -18.20
N GLU B 270 -2.14 8.08 -17.95
CA GLU B 270 -1.19 7.65 -16.94
C GLU B 270 -0.06 6.86 -17.57
N PRO B 271 1.10 6.78 -16.92
CA PRO B 271 2.21 6.02 -17.50
C PRO B 271 1.92 4.53 -17.46
N PRO B 272 2.46 3.76 -18.40
CA PRO B 272 2.23 2.32 -18.39
C PRO B 272 3.13 1.60 -17.38
N ARG B 273 2.58 0.55 -16.79
CA ARG B 273 3.31 -0.31 -15.87
C ARG B 273 3.39 -1.72 -16.43
N TYR B 274 4.48 -2.42 -16.09
CA TYR B 274 4.65 -3.79 -16.55
C TYR B 274 5.46 -4.57 -15.52
N GLU B 275 5.18 -5.88 -15.46
CA GLU B 275 5.95 -6.82 -14.67
C GLU B 275 6.40 -7.96 -15.55
N ARG B 276 7.59 -8.48 -15.28
CA ARG B 276 8.06 -9.68 -15.96
C ARG B 276 7.42 -10.91 -15.35
N ILE B 277 7.12 -11.89 -16.19
CA ILE B 277 6.69 -13.21 -15.76
C ILE B 277 7.82 -14.16 -16.11
N ASP B 278 8.68 -14.47 -15.14
CA ASP B 278 9.84 -15.30 -15.42
C ASP B 278 9.42 -16.74 -15.64
N ALA B 279 9.97 -17.36 -16.68
CA ALA B 279 9.62 -18.73 -17.03
C ALA B 279 10.30 -19.76 -16.15
N SER B 280 11.24 -19.35 -15.31
CA SER B 280 12.06 -20.26 -14.52
C SER B 280 12.69 -21.34 -15.39
N PRO B 281 13.46 -20.97 -16.42
CA PRO B 281 13.99 -21.96 -17.34
C PRO B 281 15.18 -22.70 -16.76
N LEU B 282 15.43 -23.88 -17.32
CA LEU B 282 16.62 -24.63 -16.93
C LEU B 282 17.86 -23.82 -17.30
N PRO B 283 18.88 -23.82 -16.45
CA PRO B 283 20.08 -23.02 -16.74
C PRO B 283 21.01 -23.72 -17.71
N LEU B 284 21.86 -22.92 -18.34
CA LEU B 284 22.92 -23.39 -19.20
C LEU B 284 24.27 -22.98 -18.63
N LYS B 285 25.29 -23.78 -18.92
CA LYS B 285 26.63 -23.50 -18.41
C LYS B 285 27.66 -24.01 -19.41
N THR B 286 28.62 -23.15 -19.75
CA THR B 286 29.77 -23.53 -20.56
C THR B 286 30.99 -23.65 -19.66
N LEU B 287 31.61 -24.82 -19.65
CA LEU B 287 32.82 -25.06 -18.88
C LEU B 287 34.02 -24.95 -19.81
N TYR B 288 34.91 -24.01 -19.51
CA TYR B 288 36.08 -23.77 -20.33
C TYR B 288 37.30 -24.35 -19.63
N TYR B 289 38.02 -25.22 -20.32
CA TYR B 289 39.27 -25.76 -19.80
C TYR B 289 40.34 -25.61 -20.87
N LYS B 290 41.53 -25.20 -20.44
CA LYS B 290 42.68 -25.18 -21.33
C LYS B 290 43.07 -26.58 -21.79
N LYS B 291 43.24 -27.49 -20.84
CA LYS B 291 43.54 -28.88 -21.17
C LYS B 291 42.72 -29.79 -20.27
N ILE B 292 42.27 -30.92 -20.82
CA ILE B 292 41.43 -31.87 -20.09
C ILE B 292 42.37 -32.81 -19.33
N ASP B 293 42.66 -32.46 -18.09
CA ASP B 293 43.44 -33.29 -17.19
C ASP B 293 42.52 -33.89 -16.12
N THR B 294 43.13 -34.67 -15.22
CA THR B 294 42.34 -35.32 -14.18
C THR B 294 41.70 -34.30 -13.25
N SER B 295 42.40 -33.21 -12.96
CA SER B 295 41.81 -32.14 -12.16
C SER B 295 40.64 -31.49 -12.89
N ALA B 296 40.76 -31.33 -14.21
CA ALA B 296 39.64 -30.84 -14.99
C ALA B 296 38.56 -31.90 -15.18
N LEU B 297 38.95 -33.17 -15.15
CA LEU B 297 37.97 -34.25 -15.30
C LEU B 297 37.11 -34.38 -14.06
N LYS B 298 37.71 -34.29 -12.88
CA LYS B 298 36.92 -34.32 -11.65
C LYS B 298 36.03 -33.08 -11.53
N SER B 299 36.53 -31.93 -11.99
CA SER B 299 35.72 -30.71 -11.98
C SER B 299 34.46 -30.88 -12.83
N ILE B 300 34.59 -31.51 -13.99
CA ILE B 300 33.44 -31.71 -14.87
C ILE B 300 32.41 -32.61 -14.21
N ARG B 301 32.86 -33.70 -13.58
CA ARG B 301 31.93 -34.65 -12.99
C ARG B 301 31.22 -34.05 -11.79
N ASP B 302 31.95 -33.39 -10.89
CA ASP B 302 31.34 -32.84 -9.69
C ASP B 302 30.36 -31.72 -10.02
N PHE B 303 30.68 -30.90 -11.03
CA PHE B 303 29.80 -29.79 -11.36
C PHE B 303 28.45 -30.28 -11.88
N CYS B 304 28.47 -31.18 -12.87
CA CYS B 304 27.23 -31.61 -13.51
C CYS B 304 26.36 -32.42 -12.56
N ARG B 305 26.98 -33.07 -11.57
CA ARG B 305 26.20 -33.86 -10.61
C ARG B 305 25.23 -32.99 -9.83
N ASN B 306 25.56 -31.71 -9.63
CA ASN B 306 24.72 -30.80 -8.88
C ASN B 306 24.05 -29.74 -9.75
N PHE B 307 24.38 -29.67 -11.04
CA PHE B 307 23.82 -28.65 -11.91
C PHE B 307 22.48 -29.12 -12.47
N PRO B 308 21.39 -28.39 -12.25
CA PRO B 308 20.07 -28.84 -12.72
C PRO B 308 19.81 -28.60 -14.20
N GLY B 309 20.75 -27.98 -14.92
CA GLY B 309 20.57 -27.70 -16.32
C GLY B 309 21.53 -28.46 -17.21
N TYR B 310 21.78 -27.91 -18.40
CA TYR B 310 22.61 -28.55 -19.41
C TYR B 310 23.96 -27.86 -19.47
N VAL B 311 25.00 -28.64 -19.74
CA VAL B 311 26.39 -28.20 -19.63
C VAL B 311 27.10 -28.42 -20.96
N ARG B 312 27.89 -27.44 -21.38
CA ARG B 312 28.81 -27.57 -22.49
C ARG B 312 30.24 -27.46 -21.98
N VAL B 313 31.13 -28.31 -22.50
CA VAL B 313 32.54 -28.31 -22.14
C VAL B 313 33.35 -27.90 -23.35
N VAL B 314 34.17 -26.87 -23.20
CA VAL B 314 35.02 -26.36 -24.27
C VAL B 314 36.47 -26.49 -23.84
N TYR B 315 37.30 -27.06 -24.72
CA TYR B 315 38.72 -27.17 -24.46
C TYR B 315 39.44 -27.19 -25.81
N GLU B 316 40.64 -26.60 -25.84
CA GLU B 316 41.42 -26.50 -27.07
C GLU B 316 42.66 -27.38 -27.09
N GLU B 317 43.35 -27.55 -25.97
CA GLU B 317 44.51 -28.44 -25.95
C GLU B 317 44.08 -29.89 -26.06
N ASP B 318 44.66 -30.59 -27.03
CA ASP B 318 44.39 -32.01 -27.20
C ASP B 318 44.74 -32.77 -25.93
N SER B 319 43.84 -33.64 -25.50
CA SER B 319 43.98 -34.39 -24.26
C SER B 319 43.78 -35.89 -24.51
N GLY B 320 44.24 -36.37 -25.65
CA GLY B 320 44.08 -37.78 -25.99
C GLY B 320 42.62 -38.17 -26.18
N ILE B 321 42.40 -39.48 -26.21
CA ILE B 321 41.05 -40.01 -26.31
C ILE B 321 40.31 -39.74 -25.01
N LEU B 322 39.26 -38.93 -25.09
CA LEU B 322 38.49 -38.59 -23.90
C LEU B 322 37.70 -39.80 -23.42
N PRO B 323 37.62 -40.02 -22.11
CA PRO B 323 36.71 -41.05 -21.59
C PRO B 323 35.26 -40.66 -21.87
N ASP B 324 34.39 -41.68 -21.83
CA ASP B 324 32.98 -41.49 -22.16
C ASP B 324 32.34 -40.58 -21.10
N LEU B 325 32.58 -39.28 -21.24
CA LEU B 325 32.03 -38.32 -20.29
C LEU B 325 30.52 -38.18 -20.47
N MET B 326 30.05 -38.17 -21.71
CA MET B 326 28.62 -38.04 -21.94
C MET B 326 27.88 -39.33 -21.62
N GLY B 327 28.53 -40.48 -21.84
CA GLY B 327 27.97 -41.74 -21.39
C GLY B 327 27.89 -41.86 -19.88
N GLU B 328 28.60 -41.00 -19.15
CA GLU B 328 28.55 -40.96 -17.70
C GLU B 328 27.64 -39.86 -17.18
N ILE B 329 27.63 -38.71 -17.84
CA ILE B 329 26.97 -37.50 -17.36
C ILE B 329 25.77 -37.23 -18.26
N ASP B 330 24.57 -37.27 -17.68
CA ASP B 330 23.35 -37.21 -18.48
C ASP B 330 23.03 -35.80 -18.95
N ASN B 331 23.47 -34.78 -18.24
CA ASN B 331 23.21 -33.40 -18.62
C ASN B 331 24.39 -32.71 -19.29
N LEU B 332 25.40 -33.49 -19.69
CA LEU B 332 26.49 -32.99 -20.51
C LEU B 332 26.12 -33.21 -21.97
N VAL B 333 25.79 -32.13 -22.68
CA VAL B 333 25.18 -32.25 -24.00
C VAL B 333 26.15 -31.92 -25.13
N LYS B 334 27.31 -31.33 -24.83
CA LYS B 334 28.20 -30.90 -25.91
C LYS B 334 29.62 -30.79 -25.39
N ILE B 335 30.57 -31.27 -26.18
CA ILE B 335 32.00 -31.11 -25.92
C ILE B 335 32.61 -30.55 -27.19
N GLU B 336 33.03 -29.29 -27.16
CA GLU B 336 33.63 -28.64 -28.32
C GLU B 336 34.74 -27.67 -27.90
#